data_3JVV
#
_entry.id   3JVV
#
_cell.length_a   108.483
_cell.length_b   119.552
_cell.length_c   185.535
_cell.angle_alpha   90.00
_cell.angle_beta   90.00
_cell.angle_gamma   90.00
#
_symmetry.space_group_name_H-M   'C 2 2 21'
#
loop_
_entity.id
_entity.type
_entity.pdbx_description
1 polymer 'Twitching mobility protein'
2 non-polymer 'PHOSPHOMETHYLPHOSPHONIC ACID ADENYLATE ESTER'
3 non-polymer 'MAGNESIUM ION'
4 non-polymer 'CITRIC ACID'
5 water water
#
_entity_poly.entity_id   1
_entity_poly.type   'polypeptide(L)'
_entity_poly.pdbx_seq_one_letter_code
;MDITELLAFSAKQGASDLHLSAGLPPMIRVDGDVRRINLPPLEHKQVHALIYDIMNDKQRKDFEEFLETDFSFEVPGVAR
FRVNAFNQNRGAGAVFRTIPSKVLTMEELGMGEVFKRVSDVPRGLVLVTGPTGSGKSTTLAAMLDYLNNTKYHHILTIED
PIEFVHESKKCLVNQREVHRDTLGFSEALRSALREDPDIILVGEMRDLETIRLALTAAETGHLVFGTLHTTSAAKTIDRV
VDVFPAEEKAMVRSMLSESLQSVISQTLIKKIGGGRVAAHEIMIGTPAIRNLIREDKVAQMYSAIQTGGSLGMQTLDMCL
KGLVAKGLISRENAREKAKIPENFGAAALEHHHHHH
;
_entity_poly.pdbx_strand_id   A,B,C
#
loop_
_chem_comp.id
_chem_comp.type
_chem_comp.name
_chem_comp.formula
ACP non-polymer 'PHOSPHOMETHYLPHOSPHONIC ACID ADENYLATE ESTER' 'C11 H18 N5 O12 P3'
CIT non-polymer 'CITRIC ACID' 'C6 H8 O7'
MG non-polymer 'MAGNESIUM ION' 'Mg 2'
#
# COMPACT_ATOMS: atom_id res chain seq x y z
N MET A 1 -8.29 39.53 -41.87
CA MET A 1 -9.33 38.47 -41.32
C MET A 1 -8.43 37.51 -40.53
N ASP A 2 -8.31 37.78 -39.22
CA ASP A 2 -7.47 36.96 -38.36
C ASP A 2 -8.26 35.77 -37.84
N ILE A 3 -7.59 34.93 -37.06
CA ILE A 3 -8.22 33.72 -36.54
C ILE A 3 -9.42 34.01 -35.61
N THR A 4 -9.31 35.09 -34.85
CA THR A 4 -10.42 35.54 -34.04
C THR A 4 -11.62 35.83 -34.95
N GLU A 5 -11.40 36.61 -36.00
CA GLU A 5 -12.49 36.93 -36.91
C GLU A 5 -13.04 35.64 -37.49
N LEU A 6 -12.15 34.76 -37.96
CA LEU A 6 -12.61 33.53 -38.57
C LEU A 6 -13.51 32.76 -37.60
N LEU A 7 -13.05 32.59 -36.36
CA LEU A 7 -13.86 31.85 -35.40
C LEU A 7 -15.17 32.56 -35.14
N ALA A 8 -15.12 33.89 -34.99
CA ALA A 8 -16.34 34.64 -34.82
C ALA A 8 -17.30 34.34 -35.98
N PHE A 9 -16.76 34.37 -37.20
CA PHE A 9 -17.57 34.08 -38.37
C PHE A 9 -18.17 32.68 -38.28
N SER A 10 -17.33 31.70 -37.97
CA SER A 10 -17.81 30.34 -37.80
C SER A 10 -18.99 30.27 -36.85
N ALA A 11 -18.86 30.94 -35.70
CA ALA A 11 -19.95 30.99 -34.72
C ALA A 11 -21.17 31.66 -35.37
N LYS A 12 -20.96 32.81 -36.00
CA LYS A 12 -22.06 33.48 -36.70
C LYS A 12 -22.76 32.51 -37.65
N GLN A 13 -22.02 31.62 -38.29
CA GLN A 13 -22.63 30.67 -39.19
C GLN A 13 -23.17 29.41 -38.51
N GLY A 14 -23.14 29.37 -37.17
CA GLY A 14 -23.55 28.15 -36.48
C GLY A 14 -22.71 26.94 -36.84
N ALA A 15 -21.42 27.12 -37.09
CA ALA A 15 -20.54 25.98 -37.37
C ALA A 15 -20.08 25.26 -36.11
N SER A 16 -20.00 23.94 -36.18
CA SER A 16 -19.45 23.15 -35.10
C SER A 16 -17.92 23.16 -35.11
N ASP A 17 -17.33 23.23 -36.30
CA ASP A 17 -15.88 23.10 -36.46
C ASP A 17 -15.36 24.10 -37.47
N LEU A 18 -14.15 24.61 -37.25
CA LEU A 18 -13.42 25.36 -38.26
C LEU A 18 -12.14 24.60 -38.60
N HIS A 19 -11.88 24.41 -39.89
CA HIS A 19 -10.69 23.71 -40.34
C HIS A 19 -9.74 24.67 -41.03
N LEU A 20 -8.47 24.60 -40.67
CA LEU A 20 -7.45 25.22 -41.48
C LEU A 20 -6.63 24.13 -42.12
N SER A 21 -6.30 24.28 -43.39
CA SER A 21 -5.45 23.32 -44.06
C SER A 21 -4.68 23.97 -45.17
N ALA A 22 -3.35 24.00 -45.03
CA ALA A 22 -2.48 24.62 -46.03
C ALA A 22 -2.92 24.27 -47.44
N GLY A 23 -3.05 25.30 -48.27
CA GLY A 23 -3.44 25.11 -49.66
C GLY A 23 -4.93 25.18 -49.88
N LEU A 24 -5.68 25.57 -48.85
CA LEU A 24 -7.14 25.68 -49.00
C LEU A 24 -7.59 26.92 -48.26
N PRO A 25 -8.76 27.46 -48.61
CA PRO A 25 -9.33 28.52 -47.82
C PRO A 25 -9.86 27.93 -46.51
N PRO A 26 -10.19 28.78 -45.53
CA PRO A 26 -10.77 28.22 -44.31
C PRO A 26 -12.07 27.51 -44.62
N MET A 27 -12.36 26.45 -43.87
CA MET A 27 -13.55 25.67 -44.09
C MET A 27 -14.29 25.46 -42.78
N ILE A 28 -15.61 25.32 -42.85
CA ILE A 28 -16.40 25.16 -41.64
C ILE A 28 -17.36 24.00 -41.79
N ARG A 29 -17.61 23.28 -40.69
CA ARG A 29 -18.64 22.24 -40.72
C ARG A 29 -19.95 22.78 -40.15
N VAL A 30 -21.01 22.65 -40.95
CA VAL A 30 -22.35 23.12 -40.58
C VAL A 30 -23.31 21.95 -40.81
N ASP A 31 -24.16 21.67 -39.83
CA ASP A 31 -25.07 20.53 -39.95
C ASP A 31 -24.45 19.32 -40.63
N GLY A 32 -23.20 19.01 -40.27
CA GLY A 32 -22.51 17.81 -40.80
C GLY A 32 -21.56 18.03 -41.97
N ASP A 33 -21.87 18.99 -42.86
CA ASP A 33 -21.11 19.15 -44.09
C ASP A 33 -20.04 20.20 -43.94
N VAL A 34 -18.86 19.88 -44.46
CA VAL A 34 -17.74 20.81 -44.45
C VAL A 34 -17.86 21.68 -45.69
N ARG A 35 -17.71 23.00 -45.54
CA ARG A 35 -17.80 23.98 -46.64
C ARG A 35 -16.69 25.01 -46.56
N ARG A 36 -16.37 25.62 -47.69
CA ARG A 36 -15.39 26.69 -47.77
C ARG A 36 -16.06 28.02 -47.49
N ILE A 37 -15.37 28.86 -46.71
CA ILE A 37 -15.76 30.26 -46.56
C ILE A 37 -15.32 31.00 -47.83
N ASN A 38 -16.08 31.99 -48.26
CA ASN A 38 -15.73 32.69 -49.48
C ASN A 38 -14.51 33.57 -49.27
N LEU A 39 -13.33 32.95 -49.20
CA LEU A 39 -12.09 33.69 -49.01
C LEU A 39 -11.01 33.02 -49.82
N PRO A 40 -9.90 33.72 -50.08
CA PRO A 40 -8.82 33.09 -50.85
C PRO A 40 -8.25 31.84 -50.17
N PRO A 41 -7.61 30.96 -50.95
CA PRO A 41 -6.90 29.85 -50.33
C PRO A 41 -5.82 30.36 -49.41
N LEU A 42 -5.55 29.63 -48.33
CA LEU A 42 -4.52 29.98 -47.39
C LEU A 42 -3.34 29.07 -47.66
N GLU A 43 -2.17 29.66 -47.88
CA GLU A 43 -0.97 28.86 -48.09
C GLU A 43 -0.28 28.52 -46.77
N HIS A 44 0.55 27.48 -46.79
CA HIS A 44 1.27 27.01 -45.61
C HIS A 44 1.78 28.10 -44.69
N LYS A 45 2.46 29.09 -45.27
CA LYS A 45 3.06 30.15 -44.49
C LYS A 45 1.97 30.87 -43.70
N GLN A 46 0.83 31.10 -44.34
CA GLN A 46 -0.23 31.85 -43.71
C GLN A 46 -0.90 31.03 -42.62
N VAL A 47 -1.27 29.80 -42.94
CA VAL A 47 -1.85 28.91 -41.95
C VAL A 47 -0.90 28.79 -40.77
N HIS A 48 0.38 28.56 -41.07
CA HIS A 48 1.34 28.39 -40.00
C HIS A 48 1.37 29.61 -39.10
N ALA A 49 1.46 30.80 -39.70
CA ALA A 49 1.45 32.02 -38.91
C ALA A 49 0.18 32.08 -38.04
N LEU A 50 -1.00 31.92 -38.67
CA LEU A 50 -2.25 31.97 -37.91
C LEU A 50 -2.21 31.10 -36.68
N ILE A 51 -1.66 29.90 -36.81
CA ILE A 51 -1.60 29.00 -35.66
C ILE A 51 -0.55 29.48 -34.68
N TYR A 52 0.62 29.84 -35.19
CA TYR A 52 1.70 30.30 -34.35
C TYR A 52 1.26 31.44 -33.44
N ASP A 53 0.43 32.31 -33.98
CA ASP A 53 0.03 33.50 -33.24
C ASP A 53 -0.78 33.17 -32.00
N ILE A 54 -1.73 32.26 -32.12
CA ILE A 54 -2.50 31.87 -30.95
C ILE A 54 -1.65 31.11 -29.93
N MET A 55 -0.78 30.24 -30.39
CA MET A 55 -0.08 29.34 -29.48
C MET A 55 0.76 30.08 -28.42
N ASN A 56 0.88 29.49 -27.25
CA ASN A 56 1.89 29.96 -26.32
C ASN A 56 3.21 29.24 -26.58
N ASP A 57 4.28 29.67 -25.92
CA ASP A 57 5.59 29.14 -26.21
C ASP A 57 5.71 27.63 -26.03
N LYS A 58 5.10 27.09 -24.98
CA LYS A 58 5.16 25.64 -24.83
C LYS A 58 4.43 24.99 -26.01
N GLN A 59 3.22 25.47 -26.30
CA GLN A 59 2.44 24.93 -27.41
C GLN A 59 3.23 25.00 -28.71
N ARG A 60 3.90 26.12 -28.94
CA ARG A 60 4.78 26.22 -30.10
C ARG A 60 5.85 25.15 -30.07
N LYS A 61 6.46 24.96 -28.92
CA LYS A 61 7.52 23.97 -28.83
C LYS A 61 6.98 22.56 -29.04
N ASP A 62 5.93 22.21 -28.32
CA ASP A 62 5.27 20.92 -28.52
C ASP A 62 5.04 20.78 -30.02
N PHE A 63 4.35 21.75 -30.61
CA PHE A 63 3.97 21.66 -32.01
C PHE A 63 5.18 21.51 -32.91
N GLU A 64 6.15 22.39 -32.71
CA GLU A 64 7.35 22.40 -33.52
C GLU A 64 8.15 21.10 -33.43
N GLU A 65 8.32 20.57 -32.23
CA GLU A 65 9.16 19.39 -32.08
C GLU A 65 8.42 18.07 -32.26
N PHE A 66 7.19 17.98 -31.76
CA PHE A 66 6.36 16.78 -31.98
C PHE A 66 5.56 16.78 -33.30
N LEU A 67 5.53 17.91 -33.99
CA LEU A 67 4.85 18.02 -35.29
C LEU A 67 3.33 18.11 -35.20
N GLU A 68 2.78 17.95 -34.00
CA GLU A 68 1.35 18.11 -33.78
C GLU A 68 1.10 18.34 -32.29
N THR A 69 0.00 19.00 -31.95
CA THR A 69 -0.36 19.13 -30.55
C THR A 69 -1.83 19.53 -30.35
N ASP A 70 -2.27 19.45 -29.09
CA ASP A 70 -3.64 19.76 -28.72
C ASP A 70 -3.67 20.79 -27.61
N PHE A 71 -4.67 21.68 -27.64
CA PHE A 71 -4.82 22.64 -26.56
C PHE A 71 -6.20 23.29 -26.63
N SER A 72 -6.58 23.99 -25.56
CA SER A 72 -7.84 24.72 -25.57
C SER A 72 -7.56 26.19 -25.87
N PHE A 73 -8.54 26.87 -26.43
CA PHE A 73 -8.35 28.27 -26.80
C PHE A 73 -9.67 28.97 -26.59
N GLU A 74 -9.60 30.23 -26.16
CA GLU A 74 -10.82 30.96 -25.82
C GLU A 74 -10.93 32.27 -26.59
N VAL A 75 -12.13 32.54 -27.09
CA VAL A 75 -12.42 33.83 -27.71
C VAL A 75 -13.41 34.55 -26.80
N PRO A 76 -12.89 35.46 -25.95
CA PRO A 76 -13.73 36.10 -24.93
C PRO A 76 -15.08 36.55 -25.47
N GLY A 77 -16.15 36.15 -24.78
CA GLY A 77 -17.49 36.56 -25.19
C GLY A 77 -18.10 35.77 -26.32
N VAL A 78 -17.35 34.84 -26.89
CA VAL A 78 -17.85 34.02 -28.00
C VAL A 78 -17.94 32.54 -27.62
N ALA A 79 -16.78 31.89 -27.44
CA ALA A 79 -16.75 30.47 -27.09
C ALA A 79 -15.34 30.00 -26.76
N ARG A 80 -15.25 28.77 -26.27
CA ARG A 80 -13.97 28.11 -26.10
C ARG A 80 -13.86 27.02 -27.15
N PHE A 81 -12.65 26.72 -27.59
CA PHE A 81 -12.48 25.73 -28.65
C PHE A 81 -11.45 24.67 -28.29
N ARG A 82 -11.75 23.41 -28.65
CA ARG A 82 -10.77 22.35 -28.60
C ARG A 82 -9.92 22.47 -29.85
N VAL A 83 -8.61 22.66 -29.70
CA VAL A 83 -7.76 22.90 -30.86
C VAL A 83 -6.79 21.74 -31.02
N ASN A 84 -6.60 21.30 -32.27
CA ASN A 84 -5.54 20.38 -32.61
C ASN A 84 -4.79 20.98 -33.78
N ALA A 85 -3.47 20.93 -33.72
CA ALA A 85 -2.65 21.46 -34.82
C ALA A 85 -1.80 20.32 -35.29
N PHE A 86 -1.52 20.30 -36.59
CA PHE A 86 -0.89 19.15 -37.20
C PHE A 86 -0.29 19.52 -38.54
N ASN A 87 0.42 18.57 -39.15
CA ASN A 87 1.02 18.77 -40.47
C ASN A 87 0.51 17.74 -41.45
N GLN A 88 0.50 18.08 -42.72
CA GLN A 88 0.01 17.16 -43.70
C GLN A 88 0.69 17.45 -45.03
N ASN A 89 0.43 16.64 -46.04
CA ASN A 89 1.13 16.78 -47.30
C ASN A 89 1.28 18.18 -47.85
N ARG A 90 0.28 19.03 -47.67
CA ARG A 90 0.37 20.37 -48.18
C ARG A 90 1.00 21.33 -47.19
N GLY A 91 1.21 20.88 -45.96
CA GLY A 91 1.79 21.74 -44.95
C GLY A 91 1.06 21.66 -43.63
N ALA A 92 0.86 22.81 -43.00
CA ALA A 92 0.28 22.83 -41.66
C ALA A 92 -1.23 22.73 -41.71
N GLY A 93 -1.85 22.39 -40.59
CA GLY A 93 -3.30 22.41 -40.51
C GLY A 93 -3.72 22.51 -39.05
N ALA A 94 -4.98 22.85 -38.83
CA ALA A 94 -5.55 22.83 -37.50
C ALA A 94 -7.06 22.65 -37.55
N VAL A 95 -7.62 22.18 -36.43
CA VAL A 95 -9.04 21.98 -36.30
C VAL A 95 -9.48 22.68 -35.05
N PHE A 96 -10.47 23.56 -35.19
CA PHE A 96 -11.08 24.20 -34.03
C PHE A 96 -12.49 23.66 -33.79
N ARG A 97 -12.63 22.90 -32.72
CA ARG A 97 -13.93 22.38 -32.34
C ARG A 97 -14.57 23.22 -31.24
N THR A 98 -15.70 23.83 -31.54
CA THR A 98 -16.39 24.64 -30.56
C THR A 98 -16.77 23.78 -29.36
N ILE A 99 -16.69 24.36 -28.15
CA ILE A 99 -17.06 23.70 -26.91
C ILE A 99 -18.29 24.39 -26.37
N PRO A 100 -19.37 23.63 -26.17
CA PRO A 100 -20.55 24.27 -25.63
C PRO A 100 -20.27 24.76 -24.21
N SER A 101 -20.68 26.00 -23.93
CA SER A 101 -20.35 26.65 -22.69
C SER A 101 -21.33 26.31 -21.54
N LYS A 102 -22.59 26.70 -21.70
CA LYS A 102 -23.57 26.57 -20.62
C LYS A 102 -23.95 25.14 -20.28
N VAL A 103 -24.13 24.89 -18.99
CA VAL A 103 -24.50 23.57 -18.50
C VAL A 103 -26.02 23.53 -18.47
N LEU A 104 -26.60 22.54 -19.14
CA LEU A 104 -28.05 22.45 -19.19
C LEU A 104 -28.53 21.60 -18.01
N THR A 105 -29.74 21.86 -17.54
CA THR A 105 -30.19 21.19 -16.33
C THR A 105 -30.91 19.89 -16.65
N MET A 106 -30.97 19.01 -15.65
CA MET A 106 -31.77 17.81 -15.81
C MET A 106 -33.16 18.10 -16.37
N GLU A 107 -33.82 19.14 -15.85
CA GLU A 107 -35.15 19.48 -16.33
C GLU A 107 -35.08 19.90 -17.81
N GLU A 108 -34.16 20.79 -18.14
CA GLU A 108 -34.02 21.23 -19.52
C GLU A 108 -33.84 20.02 -20.44
N LEU A 109 -33.16 18.99 -19.97
CA LEU A 109 -32.93 17.78 -20.75
C LEU A 109 -34.01 16.71 -20.56
N GLY A 110 -35.04 17.01 -19.79
CA GLY A 110 -36.09 16.04 -19.50
C GLY A 110 -35.57 14.77 -18.84
N MET A 111 -34.57 14.91 -17.97
CA MET A 111 -34.04 13.79 -17.21
C MET A 111 -34.78 13.66 -15.88
N GLY A 112 -35.32 12.48 -15.58
CA GLY A 112 -36.13 12.30 -14.37
C GLY A 112 -35.40 11.83 -13.12
N GLU A 113 -36.15 11.68 -12.04
CA GLU A 113 -35.56 11.39 -10.73
C GLU A 113 -34.51 10.27 -10.73
N VAL A 114 -34.64 9.29 -11.61
CA VAL A 114 -33.69 8.20 -11.61
C VAL A 114 -32.26 8.73 -11.67
N PHE A 115 -32.06 9.77 -12.50
CA PHE A 115 -30.73 10.35 -12.64
C PHE A 115 -30.28 10.97 -11.32
N LYS A 116 -31.23 11.52 -10.58
CA LYS A 116 -30.90 12.12 -9.29
C LYS A 116 -30.49 11.01 -8.32
N ARG A 117 -31.30 9.97 -8.25
CA ARG A 117 -30.94 8.84 -7.43
C ARG A 117 -29.54 8.33 -7.77
N VAL A 118 -29.24 8.24 -9.06
CA VAL A 118 -27.92 7.76 -9.43
C VAL A 118 -26.87 8.77 -8.98
N SER A 119 -27.11 10.05 -9.22
CA SER A 119 -26.18 11.07 -8.76
C SER A 119 -26.00 11.03 -7.25
N ASP A 120 -27.08 10.72 -6.56
CA ASP A 120 -27.05 10.88 -5.14
C ASP A 120 -26.20 9.93 -4.33
N VAL A 121 -25.87 8.79 -4.91
CA VAL A 121 -25.14 7.75 -4.17
C VAL A 121 -23.91 8.33 -3.46
N PRO A 122 -23.60 7.81 -2.26
CA PRO A 122 -22.49 8.45 -1.53
C PRO A 122 -21.10 8.13 -2.05
N ARG A 123 -20.94 7.06 -2.82
CA ARG A 123 -19.61 6.66 -3.29
C ARG A 123 -19.76 5.58 -4.35
N GLY A 124 -18.69 5.34 -5.09
CA GLY A 124 -18.72 4.27 -6.07
C GLY A 124 -18.42 4.75 -7.48
N LEU A 125 -18.78 3.95 -8.48
CA LEU A 125 -18.46 4.28 -9.84
C LEU A 125 -19.70 4.38 -10.71
N VAL A 126 -19.81 5.49 -11.44
CA VAL A 126 -20.91 5.65 -12.35
C VAL A 126 -20.37 5.95 -13.74
N LEU A 127 -20.87 5.22 -14.74
CA LEU A 127 -20.35 5.30 -16.10
C LEU A 127 -21.43 5.73 -17.06
N VAL A 128 -21.14 6.80 -17.79
CA VAL A 128 -22.05 7.27 -18.81
C VAL A 128 -21.41 6.95 -20.16
N THR A 129 -22.09 6.22 -21.02
CA THR A 129 -21.43 5.73 -22.22
C THR A 129 -22.22 5.92 -23.50
N GLY A 130 -21.55 5.73 -24.62
CA GLY A 130 -22.19 5.76 -25.93
C GLY A 130 -21.20 6.32 -26.94
N PRO A 131 -21.52 6.24 -28.23
CA PRO A 131 -20.59 6.73 -29.25
C PRO A 131 -20.29 8.22 -29.14
N THR A 132 -19.52 8.79 -30.07
CA THR A 132 -19.34 10.23 -30.05
C THR A 132 -20.66 10.88 -30.44
N GLY A 133 -20.92 12.06 -29.89
CA GLY A 133 -22.17 12.75 -30.16
C GLY A 133 -23.41 12.13 -29.55
N SER A 134 -23.22 11.14 -28.69
CA SER A 134 -24.37 10.57 -27.98
C SER A 134 -24.88 11.50 -26.88
N GLY A 135 -24.05 12.45 -26.44
CA GLY A 135 -24.46 13.37 -25.37
C GLY A 135 -24.03 12.96 -23.97
N LYS A 136 -22.87 12.30 -23.85
CA LYS A 136 -22.36 11.84 -22.57
C LYS A 136 -21.97 12.99 -21.65
N SER A 137 -21.08 13.87 -22.12
CA SER A 137 -20.68 14.99 -21.27
C SER A 137 -21.89 15.83 -20.81
N THR A 138 -22.88 15.98 -21.69
CA THR A 138 -24.08 16.75 -21.39
C THR A 138 -24.83 16.12 -20.23
N THR A 139 -25.07 14.83 -20.33
CA THR A 139 -25.71 14.13 -19.24
C THR A 139 -24.87 14.35 -17.98
N LEU A 140 -23.56 14.12 -18.06
CA LEU A 140 -22.74 14.31 -16.87
C LEU A 140 -22.80 15.72 -16.27
N ALA A 141 -22.67 16.73 -17.13
CA ALA A 141 -22.79 18.10 -16.67
C ALA A 141 -24.05 18.30 -15.85
N ALA A 142 -25.17 17.74 -16.32
CA ALA A 142 -26.44 17.92 -15.63
C ALA A 142 -26.42 17.23 -14.27
N MET A 143 -25.83 16.05 -14.24
CA MET A 143 -25.69 15.32 -13.00
C MET A 143 -24.85 16.12 -12.03
N LEU A 144 -23.75 16.69 -12.51
CA LEU A 144 -22.90 17.49 -11.62
C LEU A 144 -23.61 18.78 -11.20
N ASP A 145 -24.33 19.41 -12.13
CA ASP A 145 -25.07 20.61 -11.74
C ASP A 145 -26.04 20.28 -10.62
N TYR A 146 -26.75 19.17 -10.78
CA TYR A 146 -27.70 18.76 -9.76
C TYR A 146 -27.01 18.67 -8.40
N LEU A 147 -25.88 17.96 -8.33
CA LEU A 147 -25.13 17.88 -7.08
C LEU A 147 -24.66 19.26 -6.61
N ASN A 148 -24.24 20.09 -7.56
CA ASN A 148 -23.81 21.44 -7.23
C ASN A 148 -24.96 22.21 -6.61
N ASN A 149 -26.17 21.97 -7.11
CA ASN A 149 -27.33 22.64 -6.56
C ASN A 149 -27.74 22.13 -5.19
N THR A 150 -27.36 20.90 -4.83
CA THR A 150 -27.97 20.23 -3.67
C THR A 150 -27.04 19.83 -2.52
N LYS A 151 -25.79 19.52 -2.81
CA LYS A 151 -24.90 19.08 -1.74
C LYS A 151 -23.75 20.05 -1.48
N TYR A 152 -23.31 20.11 -0.23
CA TYR A 152 -22.17 20.93 0.17
C TYR A 152 -20.91 20.08 0.09
N HIS A 153 -20.56 19.72 -1.13
CA HIS A 153 -19.50 18.76 -1.38
C HIS A 153 -18.41 19.36 -2.26
N HIS A 154 -17.33 18.60 -2.46
CA HIS A 154 -16.24 19.02 -3.30
C HIS A 154 -16.26 18.22 -4.58
N ILE A 155 -16.49 18.90 -5.69
CA ILE A 155 -16.43 18.29 -7.00
C ILE A 155 -15.10 18.60 -7.67
N LEU A 156 -14.35 17.57 -7.99
CA LEU A 156 -13.07 17.74 -8.65
C LEU A 156 -13.18 17.12 -10.04
N THR A 157 -12.72 17.81 -11.07
CA THR A 157 -12.76 17.24 -12.41
C THR A 157 -11.40 17.26 -13.03
N ILE A 158 -11.17 16.30 -13.93
CA ILE A 158 -9.92 16.15 -14.64
C ILE A 158 -10.33 15.93 -16.08
N GLU A 159 -9.98 16.88 -16.95
CA GLU A 159 -10.50 16.91 -18.28
C GLU A 159 -9.42 17.27 -19.29
N ASP A 160 -9.59 16.80 -20.52
CA ASP A 160 -8.60 16.94 -21.54
C ASP A 160 -9.31 17.25 -22.84
N PRO A 161 -9.66 18.51 -23.07
CA PRO A 161 -9.57 19.69 -22.21
C PRO A 161 -10.85 19.86 -21.38
N ILE A 162 -10.92 20.91 -20.56
CA ILE A 162 -12.15 21.22 -19.85
C ILE A 162 -13.28 21.56 -20.83
N GLU A 163 -14.37 20.78 -20.75
CA GLU A 163 -15.50 21.02 -21.62
C GLU A 163 -16.49 22.01 -20.99
N PHE A 164 -17.35 21.56 -20.08
CA PHE A 164 -18.33 22.45 -19.46
C PHE A 164 -17.74 23.09 -18.22
N VAL A 165 -17.92 24.41 -18.07
CA VAL A 165 -17.39 25.10 -16.91
C VAL A 165 -18.51 25.32 -15.91
N HIS A 166 -18.40 24.73 -14.73
CA HIS A 166 -19.42 24.87 -13.71
C HIS A 166 -19.06 26.03 -12.80
N GLU A 167 -20.07 26.62 -12.18
CA GLU A 167 -19.83 27.66 -11.21
C GLU A 167 -20.18 27.11 -9.82
N SER A 168 -19.36 27.42 -8.82
CA SER A 168 -19.55 26.85 -7.50
C SER A 168 -20.82 27.37 -6.86
N LYS A 169 -21.80 26.49 -6.72
CA LYS A 169 -23.01 26.83 -6.01
C LYS A 169 -22.86 26.28 -4.59
N LYS A 170 -23.52 25.19 -4.25
CA LYS A 170 -23.29 24.55 -2.94
C LYS A 170 -21.98 23.75 -2.92
N CYS A 171 -21.60 23.20 -4.06
CA CYS A 171 -20.35 22.45 -4.09
C CYS A 171 -19.17 23.35 -4.40
N LEU A 172 -18.04 23.04 -3.79
CA LEU A 172 -16.78 23.58 -4.28
C LEU A 172 -16.47 22.81 -5.54
N VAL A 173 -16.25 23.50 -6.66
CA VAL A 173 -15.94 22.87 -7.93
C VAL A 173 -14.55 23.26 -8.38
N ASN A 174 -13.68 22.27 -8.57
CA ASN A 174 -12.32 22.48 -9.08
C ASN A 174 -12.16 21.68 -10.35
N GLN A 175 -11.94 22.35 -11.47
CA GLN A 175 -11.79 21.65 -12.73
C GLN A 175 -10.34 21.75 -13.16
N ARG A 176 -9.76 20.63 -13.56
CA ARG A 176 -8.33 20.60 -13.88
C ARG A 176 -8.10 20.22 -15.34
N GLU A 177 -7.53 21.15 -16.11
CA GLU A 177 -7.32 20.90 -17.52
C GLU A 177 -6.01 20.15 -17.71
N VAL A 178 -6.07 18.96 -18.30
CA VAL A 178 -4.87 18.16 -18.52
C VAL A 178 -3.91 18.91 -19.46
N HIS A 179 -2.62 18.75 -19.22
CA HIS A 179 -1.57 19.42 -19.99
C HIS A 179 -1.36 20.88 -19.61
N ARG A 180 -2.35 21.48 -18.94
CA ARG A 180 -2.25 22.88 -18.50
C ARG A 180 -2.29 23.03 -16.97
N ASP A 181 -3.30 22.45 -16.34
CA ASP A 181 -3.38 22.51 -14.88
C ASP A 181 -2.74 21.29 -14.20
N THR A 182 -2.51 20.25 -15.00
CA THR A 182 -1.89 19.04 -14.49
C THR A 182 -1.19 18.34 -15.63
N LEU A 183 -0.27 17.44 -15.29
CA LEU A 183 0.53 16.82 -16.35
C LEU A 183 -0.18 15.66 -17.02
N GLY A 184 -1.09 15.02 -16.31
CA GLY A 184 -1.82 13.88 -16.87
C GLY A 184 -2.90 13.35 -15.96
N PHE A 185 -3.76 12.50 -16.52
CA PHE A 185 -4.81 11.89 -15.74
C PHE A 185 -4.26 11.21 -14.50
N SER A 186 -3.22 10.41 -14.68
CA SER A 186 -2.65 9.66 -13.58
C SER A 186 -2.20 10.56 -12.42
N GLU A 187 -1.46 11.60 -12.77
CA GLU A 187 -0.96 12.50 -11.74
C GLU A 187 -2.15 13.14 -10.99
N ALA A 188 -3.09 13.70 -11.74
CA ALA A 188 -4.24 14.32 -11.13
C ALA A 188 -5.04 13.32 -10.30
N LEU A 189 -5.19 12.09 -10.79
CA LEU A 189 -5.89 11.10 -9.98
C LEU A 189 -5.15 10.70 -8.71
N ARG A 190 -3.83 10.56 -8.80
CA ARG A 190 -3.08 10.30 -7.59
C ARG A 190 -3.20 11.45 -6.60
N SER A 191 -3.23 12.69 -7.11
CA SER A 191 -3.40 13.82 -6.21
C SER A 191 -4.83 13.91 -5.68
N ALA A 192 -5.80 13.61 -6.54
CA ALA A 192 -7.18 13.64 -6.11
C ALA A 192 -7.39 13.00 -4.72
N LEU A 193 -6.77 11.85 -4.50
CA LEU A 193 -6.96 11.15 -3.23
C LEU A 193 -6.52 11.97 -2.04
N ARG A 194 -5.83 13.07 -2.29
CA ARG A 194 -5.37 13.92 -1.20
C ARG A 194 -5.93 15.33 -1.31
N GLU A 195 -6.91 15.50 -2.19
CA GLU A 195 -7.49 16.80 -2.41
C GLU A 195 -8.92 16.83 -1.84
N ASP A 196 -9.15 16.00 -0.82
CA ASP A 196 -10.48 15.91 -0.18
C ASP A 196 -11.67 16.13 -1.15
N PRO A 197 -11.83 15.23 -2.14
CA PRO A 197 -12.98 15.30 -3.04
C PRO A 197 -14.15 14.45 -2.56
N ASP A 198 -15.36 14.88 -2.83
CA ASP A 198 -16.44 13.94 -2.69
C ASP A 198 -16.70 13.26 -4.01
N ILE A 199 -16.62 14.03 -5.10
CA ILE A 199 -17.06 13.59 -6.40
C ILE A 199 -15.95 13.87 -7.39
N ILE A 200 -15.55 12.86 -8.15
CA ILE A 200 -14.52 13.04 -9.17
C ILE A 200 -15.00 12.66 -10.57
N LEU A 201 -14.83 13.59 -11.52
CA LEU A 201 -15.05 13.30 -12.95
C LEU A 201 -13.73 12.97 -13.69
N VAL A 202 -13.71 11.81 -14.34
CA VAL A 202 -12.62 11.42 -15.24
C VAL A 202 -13.11 11.34 -16.70
N GLY A 203 -12.75 12.31 -17.53
CA GLY A 203 -13.19 12.28 -18.94
C GLY A 203 -12.64 11.13 -19.79
N GLU A 204 -13.24 9.94 -19.65
CA GLU A 204 -12.99 8.77 -20.54
C GLU A 204 -12.06 7.71 -19.96
N MET A 205 -12.65 6.55 -19.73
CA MET A 205 -11.99 5.49 -19.00
C MET A 205 -11.17 4.68 -19.97
N ARG A 206 -10.14 5.30 -20.56
CA ARG A 206 -9.49 4.72 -21.73
C ARG A 206 -8.20 3.95 -21.40
N ASP A 207 -7.33 4.57 -20.61
CA ASP A 207 -6.05 3.97 -20.29
C ASP A 207 -6.08 3.14 -19.02
N LEU A 208 -5.35 2.03 -19.03
CA LEU A 208 -5.39 1.09 -17.92
C LEU A 208 -5.16 1.80 -16.60
N GLU A 209 -4.12 2.62 -16.57
CA GLU A 209 -3.75 3.29 -15.37
C GLU A 209 -4.85 4.25 -14.90
N THR A 210 -5.44 4.99 -15.84
CA THR A 210 -6.59 5.82 -15.48
C THR A 210 -7.69 4.94 -14.87
N ILE A 211 -7.97 3.80 -15.48
CA ILE A 211 -9.00 2.92 -14.93
C ILE A 211 -8.64 2.41 -13.53
N ARG A 212 -7.43 1.90 -13.39
CA ARG A 212 -6.97 1.43 -12.07
C ARG A 212 -7.18 2.53 -11.04
N LEU A 213 -6.70 3.73 -11.35
CA LEU A 213 -6.83 4.82 -10.40
C LEU A 213 -8.29 5.21 -10.17
N ALA A 214 -9.08 5.22 -11.25
CA ALA A 214 -10.50 5.50 -11.10
C ALA A 214 -11.15 4.47 -10.15
N LEU A 215 -10.85 3.19 -10.35
CA LEU A 215 -11.41 2.18 -9.47
C LEU A 215 -10.91 2.32 -8.04
N THR A 216 -9.61 2.56 -7.88
CA THR A 216 -9.09 2.83 -6.56
C THR A 216 -9.89 3.97 -5.94
N ALA A 217 -10.04 5.06 -6.69
CA ALA A 217 -10.70 6.23 -6.16
C ALA A 217 -12.14 5.93 -5.75
N ALA A 218 -12.81 5.02 -6.47
CA ALA A 218 -14.18 4.64 -6.09
C ALA A 218 -14.20 3.70 -4.89
N GLU A 219 -13.39 2.66 -4.95
CA GLU A 219 -13.25 1.77 -3.81
C GLU A 219 -12.84 2.51 -2.55
N THR A 220 -11.95 3.50 -2.67
CA THR A 220 -11.48 4.19 -1.47
C THR A 220 -12.58 5.01 -0.81
N GLY A 221 -13.68 5.24 -1.52
CA GLY A 221 -14.84 5.87 -0.92
C GLY A 221 -15.41 7.13 -1.55
N HIS A 222 -14.95 7.50 -2.74
CA HIS A 222 -15.51 8.65 -3.45
C HIS A 222 -16.52 8.24 -4.51
N LEU A 223 -17.28 9.21 -5.00
CA LEU A 223 -18.16 8.95 -6.12
C LEU A 223 -17.43 9.37 -7.39
N VAL A 224 -17.10 8.39 -8.24
CA VAL A 224 -16.33 8.63 -9.44
C VAL A 224 -17.24 8.57 -10.68
N PHE A 225 -17.09 9.54 -11.59
CA PHE A 225 -17.81 9.54 -12.86
C PHE A 225 -16.88 9.34 -14.07
N GLY A 226 -17.17 8.35 -14.91
CA GLY A 226 -16.36 8.09 -16.10
C GLY A 226 -17.17 7.85 -17.35
N THR A 227 -16.49 7.72 -18.48
CA THR A 227 -17.21 7.54 -19.73
C THR A 227 -16.55 6.48 -20.56
N LEU A 228 -17.31 5.86 -21.44
CA LEU A 228 -16.76 4.98 -22.48
C LEU A 228 -17.55 5.12 -23.76
N HIS A 229 -17.02 4.62 -24.87
CA HIS A 229 -17.83 4.61 -26.10
C HIS A 229 -18.68 3.36 -26.32
N THR A 230 -18.87 2.52 -25.30
CA THR A 230 -19.65 1.27 -25.40
C THR A 230 -21.17 1.56 -25.48
N THR A 231 -21.94 0.59 -25.95
CA THR A 231 -23.33 0.85 -26.32
C THR A 231 -24.39 0.16 -25.46
N SER A 232 -23.98 -0.54 -24.43
CA SER A 232 -24.93 -1.19 -23.55
C SER A 232 -24.29 -1.41 -22.20
N ALA A 233 -25.09 -1.61 -21.18
CA ALA A 233 -24.55 -1.88 -19.86
C ALA A 233 -23.62 -3.10 -19.87
N ALA A 234 -24.02 -4.19 -20.50
CA ALA A 234 -23.18 -5.38 -20.51
C ALA A 234 -21.81 -5.11 -21.15
N LYS A 235 -21.83 -4.63 -22.39
CA LYS A 235 -20.62 -4.36 -23.12
C LYS A 235 -19.69 -3.45 -22.35
N THR A 236 -20.26 -2.50 -21.63
CA THR A 236 -19.47 -1.61 -20.81
C THR A 236 -18.74 -2.43 -19.76
N ILE A 237 -19.46 -3.33 -19.10
CA ILE A 237 -18.85 -4.12 -18.06
C ILE A 237 -17.81 -5.08 -18.62
N ASP A 238 -18.12 -5.76 -19.72
CA ASP A 238 -17.11 -6.56 -20.36
C ASP A 238 -15.87 -5.70 -20.60
N ARG A 239 -16.07 -4.57 -21.26
CA ARG A 239 -14.94 -3.85 -21.76
C ARG A 239 -13.98 -3.44 -20.64
N VAL A 240 -14.51 -2.87 -19.57
CA VAL A 240 -13.67 -2.44 -18.45
C VAL A 240 -12.76 -3.59 -18.00
N VAL A 241 -13.26 -4.83 -18.04
CA VAL A 241 -12.45 -5.97 -17.65
C VAL A 241 -11.58 -6.44 -18.81
N ASP A 242 -12.19 -6.58 -19.97
CA ASP A 242 -11.45 -7.05 -21.13
C ASP A 242 -10.12 -6.35 -21.33
N VAL A 243 -10.11 -5.03 -21.23
CA VAL A 243 -8.87 -4.27 -21.52
C VAL A 243 -7.63 -4.69 -20.71
N PHE A 244 -7.80 -5.31 -19.55
CA PHE A 244 -6.67 -5.63 -18.71
C PHE A 244 -6.05 -6.96 -19.09
N PRO A 245 -4.73 -7.08 -18.89
CA PRO A 245 -4.08 -8.37 -19.13
C PRO A 245 -4.54 -9.43 -18.14
N ALA A 246 -4.40 -10.69 -18.54
CA ALA A 246 -4.98 -11.78 -17.78
C ALA A 246 -4.68 -11.67 -16.29
N GLU A 247 -3.41 -11.48 -15.95
CA GLU A 247 -3.03 -11.49 -14.54
C GLU A 247 -3.82 -10.50 -13.69
N GLU A 248 -4.37 -9.47 -14.31
CA GLU A 248 -4.96 -8.38 -13.58
C GLU A 248 -6.50 -8.36 -13.64
N LYS A 249 -7.07 -9.26 -14.43
CA LYS A 249 -8.51 -9.21 -14.72
C LYS A 249 -9.35 -9.47 -13.47
N ALA A 250 -8.99 -10.47 -12.70
CA ALA A 250 -9.78 -10.87 -11.54
C ALA A 250 -9.99 -9.74 -10.55
N MET A 251 -8.91 -9.05 -10.19
CA MET A 251 -9.04 -7.97 -9.24
C MET A 251 -9.90 -6.83 -9.81
N VAL A 252 -9.73 -6.53 -11.10
CA VAL A 252 -10.54 -5.48 -11.73
C VAL A 252 -12.02 -5.89 -11.68
N ARG A 253 -12.28 -7.15 -12.02
CA ARG A 253 -13.62 -7.69 -11.93
C ARG A 253 -14.16 -7.55 -10.50
N SER A 254 -13.36 -7.91 -9.52
CA SER A 254 -13.86 -7.81 -8.15
C SER A 254 -14.05 -6.35 -7.73
N MET A 255 -13.04 -5.53 -7.89
CA MET A 255 -13.19 -4.10 -7.59
C MET A 255 -14.46 -3.54 -8.21
N LEU A 256 -14.66 -3.83 -9.48
CA LEU A 256 -15.81 -3.30 -10.18
C LEU A 256 -17.12 -3.79 -9.58
N SER A 257 -17.21 -5.07 -9.28
CA SER A 257 -18.41 -5.63 -8.69
C SER A 257 -18.75 -4.90 -7.41
N GLU A 258 -17.74 -4.62 -6.61
CA GLU A 258 -17.99 -3.89 -5.38
C GLU A 258 -18.37 -2.44 -5.63
N SER A 259 -17.66 -1.74 -6.51
CA SER A 259 -17.83 -0.28 -6.59
C SER A 259 -18.86 0.22 -7.60
N LEU A 260 -19.21 -0.58 -8.58
CA LEU A 260 -20.03 -0.04 -9.65
C LEU A 260 -21.42 0.27 -9.12
N GLN A 261 -21.90 1.48 -9.38
CA GLN A 261 -23.23 1.88 -8.90
C GLN A 261 -24.26 1.92 -10.02
N SER A 262 -23.87 2.42 -11.17
CA SER A 262 -24.77 2.51 -12.28
C SER A 262 -24.04 2.62 -13.59
N VAL A 263 -24.72 2.20 -14.66
CA VAL A 263 -24.22 2.42 -16.00
C VAL A 263 -25.35 3.01 -16.83
N ILE A 264 -25.03 4.09 -17.54
CA ILE A 264 -26.00 4.79 -18.34
C ILE A 264 -25.44 4.84 -19.76
N SER A 265 -26.00 4.03 -20.65
CA SER A 265 -25.49 4.01 -22.01
C SER A 265 -26.48 4.73 -22.90
N GLN A 266 -25.98 5.59 -23.78
CA GLN A 266 -26.83 6.62 -24.36
C GLN A 266 -26.65 6.83 -25.88
N THR A 267 -27.68 7.35 -26.53
CA THR A 267 -27.58 7.74 -27.92
C THR A 267 -28.58 8.84 -28.24
N LEU A 268 -28.29 9.62 -29.27
CA LEU A 268 -29.19 10.70 -29.69
C LEU A 268 -29.99 10.30 -30.92
N ILE A 269 -31.26 10.70 -30.96
CA ILE A 269 -32.17 10.33 -32.01
C ILE A 269 -32.96 11.57 -32.43
N LYS A 270 -33.34 11.67 -33.70
CA LYS A 270 -34.22 12.76 -34.13
C LYS A 270 -35.62 12.58 -33.55
N LYS A 271 -36.56 13.46 -33.92
CA LYS A 271 -37.79 13.62 -33.15
C LYS A 271 -39.00 13.75 -34.04
N ARG A 276 -32.87 16.72 -31.81
CA ARG A 276 -32.68 15.35 -31.37
C ARG A 276 -33.07 15.18 -29.91
N VAL A 277 -33.21 13.93 -29.48
CA VAL A 277 -33.55 13.60 -28.10
C VAL A 277 -32.67 12.40 -27.68
N ALA A 278 -32.37 12.31 -26.39
CA ALA A 278 -31.53 11.23 -25.88
C ALA A 278 -32.34 10.02 -25.47
N ALA A 279 -31.79 8.84 -25.74
CA ALA A 279 -32.36 7.62 -25.21
C ALA A 279 -31.29 6.98 -24.33
N HIS A 280 -31.70 6.36 -23.24
CA HIS A 280 -30.76 5.82 -22.26
C HIS A 280 -31.06 4.39 -21.88
N GLU A 281 -30.03 3.57 -21.83
CA GLU A 281 -30.14 2.31 -21.12
C GLU A 281 -29.60 2.58 -19.73
N ILE A 282 -30.29 2.10 -18.70
CA ILE A 282 -29.91 2.40 -17.32
C ILE A 282 -29.84 1.14 -16.48
N MET A 283 -28.70 0.92 -15.84
CA MET A 283 -28.50 -0.22 -14.95
C MET A 283 -28.16 0.33 -13.58
N ILE A 284 -28.67 -0.30 -12.53
CA ILE A 284 -28.34 0.09 -11.17
C ILE A 284 -27.73 -1.10 -10.42
N GLY A 285 -26.65 -0.82 -9.71
CA GLY A 285 -25.84 -1.86 -9.10
C GLY A 285 -26.35 -2.49 -7.81
N THR A 286 -27.28 -3.42 -7.97
CA THR A 286 -27.83 -4.20 -6.88
C THR A 286 -27.00 -5.48 -6.62
N PRO A 287 -27.10 -6.05 -5.39
CA PRO A 287 -26.38 -7.30 -5.09
C PRO A 287 -26.41 -8.39 -6.18
N ALA A 288 -27.59 -8.68 -6.71
CA ALA A 288 -27.69 -9.70 -7.73
C ALA A 288 -26.78 -9.37 -8.93
N ILE A 289 -26.90 -8.15 -9.45
CA ILE A 289 -26.07 -7.74 -10.57
C ILE A 289 -24.60 -7.74 -10.18
N ARG A 290 -24.30 -7.27 -8.98
CA ARG A 290 -22.92 -7.33 -8.51
C ARG A 290 -22.41 -8.76 -8.53
N ASN A 291 -23.23 -9.72 -8.11
CA ASN A 291 -22.81 -11.11 -8.30
C ASN A 291 -22.59 -11.45 -9.76
N LEU A 292 -23.50 -11.03 -10.63
CA LEU A 292 -23.34 -11.32 -12.05
C LEU A 292 -21.96 -10.86 -12.50
N ILE A 293 -21.59 -9.64 -12.10
CA ILE A 293 -20.27 -9.11 -12.41
C ILE A 293 -19.17 -9.93 -11.75
N ARG A 294 -19.33 -10.16 -10.44
CA ARG A 294 -18.32 -10.85 -9.65
C ARG A 294 -18.06 -12.25 -10.18
N GLU A 295 -19.13 -12.97 -10.48
CA GLU A 295 -19.02 -14.36 -10.94
C GLU A 295 -18.73 -14.49 -12.43
N ASP A 296 -18.70 -13.37 -13.13
CA ASP A 296 -18.43 -13.37 -14.57
C ASP A 296 -19.60 -13.99 -15.35
N LYS A 297 -20.81 -13.59 -14.99
CA LYS A 297 -22.02 -14.06 -15.67
C LYS A 297 -22.81 -12.86 -16.23
N VAL A 298 -22.08 -11.82 -16.59
CA VAL A 298 -22.71 -10.60 -17.12
C VAL A 298 -23.65 -10.87 -18.32
N ALA A 299 -23.41 -11.94 -19.06
CA ALA A 299 -24.36 -12.34 -20.09
C ALA A 299 -25.84 -12.30 -19.64
N GLN A 300 -26.09 -12.61 -18.36
CA GLN A 300 -27.45 -12.60 -17.86
C GLN A 300 -27.99 -11.20 -17.57
N MET A 301 -27.11 -10.22 -17.54
CA MET A 301 -27.49 -8.91 -17.02
C MET A 301 -28.58 -8.20 -17.82
N TYR A 302 -28.54 -8.35 -19.14
CA TYR A 302 -29.52 -7.70 -19.98
C TYR A 302 -30.96 -7.96 -19.50
N SER A 303 -31.30 -9.19 -19.14
CA SER A 303 -32.62 -9.44 -18.60
C SER A 303 -32.76 -8.87 -17.19
N ALA A 304 -31.70 -8.96 -16.40
CA ALA A 304 -31.77 -8.36 -15.08
C ALA A 304 -32.13 -6.87 -15.19
N ILE A 305 -31.65 -6.19 -16.21
CA ILE A 305 -32.10 -4.82 -16.45
C ILE A 305 -33.61 -4.83 -16.74
N GLN A 306 -34.04 -5.71 -17.64
CA GLN A 306 -35.44 -5.77 -18.00
C GLN A 306 -36.31 -5.89 -16.76
N THR A 307 -35.89 -6.66 -15.77
CA THR A 307 -36.72 -6.81 -14.57
C THR A 307 -36.44 -5.82 -13.44
N GLY A 308 -35.64 -4.79 -13.70
CA GLY A 308 -35.30 -3.83 -12.67
C GLY A 308 -36.04 -2.50 -12.76
N GLY A 309 -37.21 -2.52 -13.38
CA GLY A 309 -38.00 -1.33 -13.58
C GLY A 309 -38.29 -0.58 -12.29
N SER A 310 -38.57 -1.32 -11.23
CA SER A 310 -38.92 -0.67 -9.97
C SER A 310 -37.84 0.33 -9.52
N LEU A 311 -36.58 -0.01 -9.74
CA LEU A 311 -35.50 0.91 -9.39
C LEU A 311 -35.20 1.95 -10.47
N GLY A 312 -35.92 1.87 -11.58
CA GLY A 312 -35.70 2.79 -12.68
C GLY A 312 -34.72 2.29 -13.72
N MET A 313 -34.40 1.00 -13.70
CA MET A 313 -33.60 0.39 -14.76
C MET A 313 -34.44 0.26 -16.02
N GLN A 314 -33.77 0.18 -17.16
CA GLN A 314 -34.45 0.07 -18.44
C GLN A 314 -33.40 -0.27 -19.50
N THR A 315 -33.75 -1.14 -20.45
CA THR A 315 -32.86 -1.44 -21.56
C THR A 315 -32.97 -0.31 -22.57
N LEU A 316 -31.98 -0.21 -23.44
CA LEU A 316 -32.06 0.76 -24.50
C LEU A 316 -33.36 0.57 -25.28
N ASP A 317 -33.62 -0.66 -25.72
CA ASP A 317 -34.85 -0.93 -26.47
C ASP A 317 -36.12 -0.50 -25.72
N MET A 318 -36.20 -0.76 -24.42
CA MET A 318 -37.38 -0.31 -23.65
C MET A 318 -37.57 1.19 -23.78
N CYS A 319 -36.53 1.93 -23.48
CA CYS A 319 -36.62 3.38 -23.54
C CYS A 319 -37.06 3.81 -24.93
N LEU A 320 -36.55 3.14 -25.97
CA LEU A 320 -36.95 3.47 -27.32
C LEU A 320 -38.43 3.28 -27.58
N LYS A 321 -39.13 2.51 -26.76
CA LYS A 321 -40.57 2.36 -26.93
C LYS A 321 -41.39 3.49 -26.34
N GLY A 322 -40.73 4.44 -25.70
CA GLY A 322 -41.35 5.69 -25.30
C GLY A 322 -41.21 6.68 -26.44
N SER A 330 -39.20 8.82 -34.67
CA SER A 330 -39.81 7.94 -35.65
C SER A 330 -39.50 6.49 -35.36
N ARG A 331 -40.47 5.64 -35.64
CA ARG A 331 -40.34 4.21 -35.40
C ARG A 331 -39.13 3.66 -36.15
N GLU A 332 -38.89 4.16 -37.35
CA GLU A 332 -37.75 3.71 -38.13
C GLU A 332 -36.45 4.20 -37.50
N ASN A 333 -36.35 5.50 -37.21
CA ASN A 333 -35.22 6.02 -36.46
C ASN A 333 -34.97 5.18 -35.22
N ALA A 334 -36.05 4.83 -34.53
CA ALA A 334 -35.91 4.00 -33.34
C ALA A 334 -35.25 2.68 -33.71
N ARG A 335 -35.76 2.02 -34.76
CA ARG A 335 -35.21 0.73 -35.14
C ARG A 335 -33.78 0.78 -35.62
N GLU A 336 -33.39 1.89 -36.22
CA GLU A 336 -32.00 2.06 -36.60
C GLU A 336 -31.09 1.84 -35.39
N LYS A 337 -31.58 2.22 -34.20
CA LYS A 337 -30.73 2.17 -33.00
C LYS A 337 -31.08 1.10 -31.96
N ALA A 338 -32.02 0.23 -32.28
CA ALA A 338 -32.48 -0.75 -31.30
C ALA A 338 -31.59 -1.98 -31.31
N LYS A 339 -31.34 -2.53 -30.13
CA LYS A 339 -30.61 -3.78 -30.05
C LYS A 339 -31.38 -4.85 -30.83
N ILE A 340 -32.71 -4.86 -30.71
CA ILE A 340 -33.55 -5.85 -31.36
C ILE A 340 -34.61 -5.18 -32.26
N PRO A 341 -34.31 -5.03 -33.56
CA PRO A 341 -35.30 -4.34 -34.40
C PRO A 341 -36.60 -5.13 -34.57
N GLU A 342 -37.70 -4.49 -34.21
CA GLU A 342 -39.04 -5.10 -34.20
C GLU A 342 -40.13 -4.01 -34.36
N MET B 1 -5.62 38.63 7.62
CA MET B 1 -6.09 37.20 7.69
C MET B 1 -5.16 36.31 6.86
N ASP B 2 -4.04 35.90 7.48
CA ASP B 2 -3.08 35.05 6.79
C ASP B 2 -3.44 33.58 6.92
N ILE B 3 -2.68 32.72 6.25
CA ILE B 3 -2.96 31.29 6.26
C ILE B 3 -2.87 30.69 7.67
N THR B 4 -1.94 31.17 8.48
CA THR B 4 -1.91 30.76 9.88
C THR B 4 -3.23 31.07 10.58
N GLU B 5 -3.74 32.29 10.40
CA GLU B 5 -5.01 32.66 11.00
C GLU B 5 -6.11 31.77 10.45
N LEU B 6 -6.14 31.59 9.13
CA LEU B 6 -7.17 30.76 8.53
C LEU B 6 -7.17 29.36 9.16
N LEU B 7 -5.99 28.73 9.19
CA LEU B 7 -5.91 27.40 9.77
C LEU B 7 -6.34 27.41 11.23
N ALA B 8 -5.85 28.37 12.01
CA ALA B 8 -6.30 28.50 13.39
C ALA B 8 -7.83 28.56 13.46
N PHE B 9 -8.43 29.38 12.60
CA PHE B 9 -9.88 29.48 12.55
C PHE B 9 -10.48 28.11 12.25
N SER B 10 -9.97 27.44 11.22
CA SER B 10 -10.49 26.12 10.86
C SER B 10 -10.48 25.17 12.05
N ALA B 11 -9.38 25.19 12.80
CA ALA B 11 -9.27 24.39 14.01
C ALA B 11 -10.33 24.85 15.02
N LYS B 12 -10.41 26.15 15.27
CA LYS B 12 -11.43 26.68 16.16
C LYS B 12 -12.82 26.15 15.76
N GLN B 13 -13.09 26.06 14.46
CA GLN B 13 -14.38 25.53 14.02
C GLN B 13 -14.46 24.00 13.99
N GLY B 14 -13.43 23.32 14.45
CA GLY B 14 -13.42 21.86 14.37
C GLY B 14 -13.51 21.31 12.94
N ALA B 15 -12.90 22.02 11.99
CA ALA B 15 -12.89 21.53 10.60
C ALA B 15 -11.81 20.46 10.36
N SER B 16 -12.15 19.46 9.54
CA SER B 16 -11.17 18.47 9.09
C SER B 16 -10.28 18.98 7.96
N ASP B 17 -10.83 19.87 7.13
CA ASP B 17 -10.15 20.32 5.94
C ASP B 17 -10.36 21.81 5.70
N LEU B 18 -9.31 22.48 5.25
CA LEU B 18 -9.43 23.83 4.71
C LEU B 18 -9.11 23.82 3.22
N HIS B 19 -9.98 24.41 2.41
CA HIS B 19 -9.75 24.51 0.96
C HIS B 19 -9.48 25.91 0.53
N LEU B 20 -8.45 26.08 -0.29
CA LEU B 20 -8.30 27.34 -1.01
C LEU B 20 -8.53 27.07 -2.47
N SER B 21 -9.23 27.97 -3.12
CA SER B 21 -9.49 27.79 -4.53
C SER B 21 -9.70 29.14 -5.21
N ALA B 22 -8.78 29.54 -6.07
CA ALA B 22 -8.88 30.82 -6.76
C ALA B 22 -10.31 31.10 -7.21
N GLY B 23 -10.78 32.29 -6.88
CA GLY B 23 -12.12 32.72 -7.25
C GLY B 23 -13.16 32.39 -6.20
N LEU B 24 -12.71 31.92 -5.04
CA LEU B 24 -13.65 31.59 -3.97
C LEU B 24 -13.09 32.06 -2.64
N PRO B 25 -13.95 32.27 -1.66
CA PRO B 25 -13.42 32.56 -0.34
C PRO B 25 -12.95 31.26 0.25
N PRO B 26 -12.15 31.30 1.33
CA PRO B 26 -11.73 30.04 1.94
C PRO B 26 -12.94 29.21 2.33
N MET B 27 -12.83 27.90 2.21
CA MET B 27 -13.91 27.02 2.62
C MET B 27 -13.39 25.93 3.55
N ILE B 28 -14.25 25.46 4.44
CA ILE B 28 -13.85 24.45 5.43
C ILE B 28 -14.84 23.30 5.46
N ARG B 29 -14.33 22.09 5.64
CA ARG B 29 -15.20 20.96 5.83
C ARG B 29 -15.42 20.64 7.31
N VAL B 30 -16.68 20.66 7.72
CA VAL B 30 -17.10 20.40 9.08
C VAL B 30 -18.16 19.29 9.04
N ASP B 31 -18.02 18.29 9.90
CA ASP B 31 -18.93 17.13 9.85
C ASP B 31 -19.39 16.75 8.44
N GLY B 32 -18.45 16.67 7.50
CA GLY B 32 -18.75 16.19 6.15
C GLY B 32 -19.00 17.28 5.12
N ASP B 33 -19.58 18.41 5.53
CA ASP B 33 -19.97 19.42 4.56
C ASP B 33 -18.91 20.50 4.39
N VAL B 34 -18.62 20.83 3.14
CA VAL B 34 -17.72 21.94 2.83
C VAL B 34 -18.53 23.22 2.78
N ARG B 35 -18.14 24.24 3.51
CA ARG B 35 -18.84 25.52 3.42
C ARG B 35 -17.90 26.72 3.43
N ARG B 36 -18.36 27.83 2.85
CA ARG B 36 -17.57 29.06 2.74
C ARG B 36 -17.44 29.76 4.08
N ILE B 37 -16.24 30.20 4.41
CA ILE B 37 -16.06 31.07 5.55
C ILE B 37 -16.56 32.45 5.12
N ASN B 38 -17.14 33.21 6.04
CA ASN B 38 -17.63 34.54 5.67
C ASN B 38 -16.49 35.49 5.42
N LEU B 39 -15.81 35.32 4.29
CA LEU B 39 -14.71 36.22 3.92
C LEU B 39 -14.81 36.51 2.43
N PRO B 40 -14.12 37.57 1.95
CA PRO B 40 -14.15 37.85 0.52
C PRO B 40 -13.58 36.71 -0.32
N PRO B 41 -13.96 36.64 -1.61
CA PRO B 41 -13.32 35.66 -2.48
C PRO B 41 -11.83 35.92 -2.55
N LEU B 42 -11.05 34.87 -2.73
CA LEU B 42 -9.62 35.01 -2.88
C LEU B 42 -9.28 34.81 -4.34
N GLU B 43 -8.60 35.79 -4.93
CA GLU B 43 -8.19 35.67 -6.33
C GLU B 43 -6.85 34.94 -6.47
N HIS B 44 -6.60 34.44 -7.67
CA HIS B 44 -5.42 33.65 -7.96
C HIS B 44 -4.15 34.18 -7.31
N LYS B 45 -3.93 35.49 -7.45
CA LYS B 45 -2.71 36.11 -6.93
C LYS B 45 -2.63 35.87 -5.42
N GLN B 46 -3.75 36.06 -4.74
CA GLN B 46 -3.77 35.95 -3.29
C GLN B 46 -3.57 34.50 -2.87
N VAL B 47 -4.36 33.60 -3.44
CA VAL B 47 -4.19 32.19 -3.14
C VAL B 47 -2.75 31.78 -3.41
N HIS B 48 -2.22 32.20 -4.56
CA HIS B 48 -0.89 31.80 -4.91
C HIS B 48 0.10 32.28 -3.84
N ALA B 49 0.01 33.55 -3.47
CA ALA B 49 0.89 34.06 -2.42
C ALA B 49 0.73 33.24 -1.13
N LEU B 50 -0.50 33.10 -0.65
CA LEU B 50 -0.73 32.32 0.58
C LEU B 50 0.02 30.99 0.56
N ILE B 51 -0.03 30.30 -0.58
CA ILE B 51 0.65 29.01 -0.69
C ILE B 51 2.15 29.22 -0.80
N TYR B 52 2.54 30.08 -1.73
CA TYR B 52 3.93 30.35 -2.00
C TYR B 52 4.67 30.75 -0.73
N ASP B 53 4.02 31.57 0.09
CA ASP B 53 4.62 32.00 1.35
C ASP B 53 4.94 30.85 2.28
N ILE B 54 4.03 29.90 2.45
CA ILE B 54 4.35 28.76 3.29
C ILE B 54 5.44 27.89 2.67
N MET B 55 5.37 27.65 1.37
CA MET B 55 6.26 26.66 0.77
C MET B 55 7.74 26.97 1.02
N ASN B 56 8.56 25.93 1.10
CA ASN B 56 10.00 26.12 1.03
C ASN B 56 10.43 26.07 -0.44
N ASP B 57 11.70 26.35 -0.71
CA ASP B 57 12.14 26.48 -2.08
C ASP B 57 12.00 25.21 -2.90
N LYS B 58 12.27 24.05 -2.31
CA LYS B 58 12.05 22.83 -3.05
C LYS B 58 10.56 22.71 -3.38
N GLN B 59 9.72 22.89 -2.36
CA GLN B 59 8.29 22.79 -2.55
C GLN B 59 7.82 23.75 -3.64
N ARG B 60 8.33 24.97 -3.60
CA ARG B 60 8.01 25.93 -4.66
C ARG B 60 8.43 25.36 -6.01
N LYS B 61 9.62 24.79 -6.09
CA LYS B 61 10.08 24.25 -7.35
C LYS B 61 9.23 23.08 -7.80
N ASP B 62 9.04 22.11 -6.92
CA ASP B 62 8.16 20.99 -7.22
C ASP B 62 6.86 21.56 -7.77
N PHE B 63 6.24 22.45 -7.01
CA PHE B 63 4.94 22.96 -7.39
C PHE B 63 4.97 23.67 -8.72
N GLU B 64 5.95 24.55 -8.88
CA GLU B 64 6.08 25.34 -10.09
C GLU B 64 6.32 24.50 -11.33
N GLU B 65 7.17 23.48 -11.22
CA GLU B 65 7.50 22.70 -12.41
C GLU B 65 6.58 21.52 -12.64
N PHE B 66 6.16 20.83 -11.57
CA PHE B 66 5.20 19.74 -11.70
C PHE B 66 3.73 20.17 -11.69
N LEU B 67 3.48 21.44 -11.35
CA LEU B 67 2.11 21.98 -11.34
C LEU B 67 1.28 21.56 -10.12
N GLU B 68 1.81 20.67 -9.30
CA GLU B 68 1.11 20.25 -8.08
C GLU B 68 2.09 19.56 -7.15
N THR B 69 1.84 19.60 -5.86
CA THR B 69 2.70 18.88 -4.93
C THR B 69 2.07 18.68 -3.57
N ASP B 70 2.71 17.86 -2.75
CA ASP B 70 2.24 17.54 -1.42
C ASP B 70 3.31 17.80 -0.40
N PHE B 71 2.92 18.27 0.77
CA PHE B 71 3.87 18.42 1.86
C PHE B 71 3.13 18.56 3.19
N SER B 72 3.85 18.45 4.29
CA SER B 72 3.26 18.66 5.61
C SER B 72 3.58 20.08 6.08
N PHE B 73 2.69 20.64 6.90
CA PHE B 73 2.86 22.01 7.38
C PHE B 73 2.40 22.07 8.82
N GLU B 74 3.09 22.88 9.63
CA GLU B 74 2.78 22.95 11.06
C GLU B 74 2.48 24.36 11.52
N VAL B 75 1.43 24.51 12.33
CA VAL B 75 1.11 25.77 12.96
C VAL B 75 1.36 25.58 14.46
N PRO B 76 2.52 26.04 14.93
CA PRO B 76 2.94 25.81 16.31
C PRO B 76 1.81 26.05 17.31
N GLY B 77 1.57 25.09 18.18
CA GLY B 77 0.53 25.23 19.20
C GLY B 77 -0.89 24.95 18.74
N VAL B 78 -1.08 24.72 17.44
CA VAL B 78 -2.42 24.50 16.90
C VAL B 78 -2.57 23.08 16.32
N ALA B 79 -1.88 22.81 15.21
CA ALA B 79 -1.95 21.49 14.60
C ALA B 79 -0.95 21.35 13.46
N ARG B 80 -0.83 20.13 12.95
CA ARG B 80 -0.11 19.86 11.71
C ARG B 80 -1.13 19.53 10.59
N PHE B 81 -0.75 19.77 9.34
CA PHE B 81 -1.67 19.56 8.22
C PHE B 81 -1.03 18.80 7.06
N ARG B 82 -1.83 17.97 6.39
CA ARG B 82 -1.42 17.33 5.14
C ARG B 82 -1.82 18.28 4.03
N VAL B 83 -0.85 18.92 3.38
CA VAL B 83 -1.16 19.96 2.41
C VAL B 83 -0.97 19.44 1.01
N ASN B 84 -1.95 19.68 0.14
CA ASN B 84 -1.78 19.43 -1.26
C ASN B 84 -2.05 20.70 -2.03
N ALA B 85 -1.18 20.98 -2.99
CA ALA B 85 -1.22 22.24 -3.71
C ALA B 85 -1.34 21.91 -5.17
N PHE B 86 -2.17 22.64 -5.91
CA PHE B 86 -2.49 22.23 -7.26
C PHE B 86 -3.07 23.40 -8.04
N ASN B 87 -3.41 23.16 -9.30
CA ASN B 87 -3.97 24.19 -10.18
C ASN B 87 -5.32 23.79 -10.77
N GLN B 88 -6.15 24.78 -11.03
CA GLN B 88 -7.49 24.53 -11.57
C GLN B 88 -7.93 25.70 -12.41
N ASN B 89 -9.02 25.51 -13.15
CA ASN B 89 -9.46 26.48 -14.13
C ASN B 89 -9.40 27.96 -13.75
N ARG B 90 -9.65 28.28 -12.49
CA ARG B 90 -9.64 29.68 -12.08
C ARG B 90 -8.26 30.08 -11.53
N GLY B 91 -7.42 29.10 -11.26
CA GLY B 91 -6.06 29.38 -10.84
C GLY B 91 -5.56 28.38 -9.83
N ALA B 92 -4.70 28.80 -8.93
CA ALA B 92 -4.15 27.89 -7.93
C ALA B 92 -5.24 27.32 -7.01
N GLY B 93 -4.91 26.26 -6.30
CA GLY B 93 -5.74 25.78 -5.21
C GLY B 93 -4.94 24.94 -4.22
N ALA B 94 -5.49 24.75 -3.03
CA ALA B 94 -4.82 23.93 -2.05
C ALA B 94 -5.78 23.38 -0.99
N VAL B 95 -5.39 22.27 -0.38
CA VAL B 95 -6.22 21.54 0.55
C VAL B 95 -5.35 21.14 1.71
N PHE B 96 -5.76 21.60 2.90
CA PHE B 96 -5.03 21.33 4.14
C PHE B 96 -5.86 20.39 4.96
N ARG B 97 -5.43 19.16 5.14
CA ARG B 97 -6.22 18.23 5.92
C ARG B 97 -5.58 18.15 7.29
N THR B 98 -6.33 18.49 8.34
CA THR B 98 -5.73 18.54 9.66
C THR B 98 -5.33 17.16 10.12
N ILE B 99 -4.34 17.12 11.01
CA ILE B 99 -3.81 15.85 11.48
C ILE B 99 -4.29 15.65 12.90
N PRO B 100 -4.89 14.51 13.17
CA PRO B 100 -5.27 14.25 14.54
C PRO B 100 -4.02 14.09 15.43
N SER B 101 -3.83 15.03 16.34
CA SER B 101 -2.66 15.02 17.19
C SER B 101 -2.82 14.13 18.42
N LYS B 102 -3.86 14.39 19.22
CA LYS B 102 -4.02 13.66 20.45
C LYS B 102 -4.35 12.19 20.24
N VAL B 103 -3.56 11.32 20.87
CA VAL B 103 -3.87 9.89 20.87
C VAL B 103 -5.07 9.63 21.77
N LEU B 104 -6.00 8.81 21.33
CA LEU B 104 -7.14 8.45 22.15
C LEU B 104 -7.01 6.99 22.58
N THR B 105 -7.50 6.67 23.77
CA THR B 105 -7.28 5.34 24.30
C THR B 105 -8.36 4.38 23.85
N MET B 106 -8.07 3.09 23.90
CA MET B 106 -9.09 2.09 23.63
C MET B 106 -10.37 2.38 24.38
N GLU B 107 -10.26 2.71 25.67
CA GLU B 107 -11.45 3.01 26.44
C GLU B 107 -12.18 4.23 25.87
N GLU B 108 -11.45 5.30 25.60
CA GLU B 108 -12.06 6.49 25.05
C GLU B 108 -12.79 6.17 23.77
N LEU B 109 -12.30 5.19 23.02
CA LEU B 109 -12.94 4.79 21.76
C LEU B 109 -13.93 3.63 21.93
N GLY B 110 -14.13 3.17 23.15
CA GLY B 110 -15.02 2.04 23.39
C GLY B 110 -14.57 0.77 22.69
N MET B 111 -13.25 0.56 22.63
CA MET B 111 -12.72 -0.66 22.03
C MET B 111 -12.50 -1.71 23.12
N GLY B 112 -13.09 -2.89 22.97
CA GLY B 112 -12.98 -3.94 23.99
C GLY B 112 -11.80 -4.90 23.92
N GLU B 113 -11.72 -5.77 24.92
CA GLU B 113 -10.60 -6.71 25.05
C GLU B 113 -10.12 -7.38 23.74
N VAL B 114 -11.03 -7.63 22.81
CA VAL B 114 -10.62 -8.29 21.57
C VAL B 114 -9.46 -7.53 20.93
N PHE B 115 -9.53 -6.20 20.97
CA PHE B 115 -8.44 -5.41 20.38
C PHE B 115 -7.14 -5.64 21.15
N LYS B 116 -7.25 -5.84 22.45
CA LYS B 116 -6.07 -6.08 23.25
C LYS B 116 -5.47 -7.43 22.87
N ARG B 117 -6.32 -8.45 22.82
CA ARG B 117 -5.89 -9.76 22.39
C ARG B 117 -5.20 -9.67 21.04
N VAL B 118 -5.78 -8.92 20.11
CA VAL B 118 -5.15 -8.78 18.80
C VAL B 118 -3.82 -8.08 18.97
N SER B 119 -3.80 -6.98 19.70
CA SER B 119 -2.52 -6.28 19.94
C SER B 119 -1.48 -7.18 20.60
N ASP B 120 -1.96 -8.11 21.43
CA ASP B 120 -1.01 -8.81 22.27
C ASP B 120 -0.14 -9.85 21.61
N VAL B 121 -0.56 -10.32 20.44
CA VAL B 121 0.14 -11.42 19.78
C VAL B 121 1.66 -11.15 19.72
N PRO B 122 2.45 -12.21 19.85
CA PRO B 122 3.89 -11.96 19.92
C PRO B 122 4.56 -11.66 18.58
N ARG B 123 3.90 -11.95 17.46
CA ARG B 123 4.49 -11.70 16.14
C ARG B 123 3.44 -11.93 15.04
N GLY B 124 3.76 -11.49 13.83
CA GLY B 124 2.86 -11.71 12.69
C GLY B 124 2.36 -10.40 12.11
N LEU B 125 1.28 -10.48 11.35
CA LEU B 125 0.78 -9.33 10.63
C LEU B 125 -0.66 -9.01 11.03
N VAL B 126 -0.90 -7.74 11.31
CA VAL B 126 -2.26 -7.27 11.63
C VAL B 126 -2.62 -6.12 10.72
N LEU B 127 -3.79 -6.22 10.09
CA LEU B 127 -4.18 -5.23 9.13
C LEU B 127 -5.43 -4.50 9.56
N VAL B 128 -5.34 -3.17 9.59
CA VAL B 128 -6.52 -2.36 9.90
C VAL B 128 -6.92 -1.64 8.62
N THR B 129 -8.16 -1.82 8.16
CA THR B 129 -8.51 -1.37 6.83
C THR B 129 -9.83 -0.60 6.79
N GLY B 130 -10.08 0.04 5.64
CA GLY B 130 -11.30 0.80 5.44
C GLY B 130 -11.06 2.00 4.54
N PRO B 131 -12.14 2.57 3.97
CA PRO B 131 -12.03 3.71 3.06
C PRO B 131 -11.33 4.96 3.65
N THR B 132 -11.14 6.00 2.86
CA THR B 132 -10.53 7.21 3.40
C THR B 132 -11.37 7.69 4.58
N GLY B 133 -10.73 8.27 5.58
CA GLY B 133 -11.53 8.80 6.67
C GLY B 133 -11.97 7.79 7.70
N SER B 134 -12.37 6.58 7.30
CA SER B 134 -12.85 5.52 8.23
C SER B 134 -12.26 5.33 9.65
N GLY B 135 -11.12 5.95 9.95
CA GLY B 135 -10.63 5.95 11.33
C GLY B 135 -9.58 4.89 11.61
N LYS B 136 -8.82 4.52 10.58
CA LYS B 136 -7.85 3.45 10.71
C LYS B 136 -6.70 3.90 11.63
N SER B 137 -6.04 5.00 11.29
CA SER B 137 -4.94 5.52 12.08
C SER B 137 -5.28 5.62 13.57
N THR B 138 -6.47 6.13 13.88
CA THR B 138 -6.94 6.26 15.23
C THR B 138 -7.00 4.89 15.90
N THR B 139 -7.67 3.94 15.27
CA THR B 139 -7.74 2.61 15.84
C THR B 139 -6.33 2.05 16.07
N LEU B 140 -5.46 2.24 15.11
CA LEU B 140 -4.05 1.87 15.32
C LEU B 140 -3.38 2.59 16.49
N ALA B 141 -3.57 3.90 16.56
CA ALA B 141 -2.93 4.65 17.62
C ALA B 141 -3.35 4.08 18.97
N ALA B 142 -4.63 3.74 19.12
CA ALA B 142 -5.11 3.18 20.38
C ALA B 142 -4.43 1.85 20.67
N MET B 143 -4.33 1.01 19.64
CA MET B 143 -3.65 -0.25 19.78
C MET B 143 -2.19 -0.02 20.22
N LEU B 144 -1.52 0.93 19.59
CA LEU B 144 -0.13 1.18 19.99
C LEU B 144 -0.06 1.78 21.39
N ASP B 145 -1.00 2.66 21.74
CA ASP B 145 -0.96 3.22 23.07
C ASP B 145 -1.11 2.11 24.12
N TYR B 146 -2.05 1.21 23.87
CA TYR B 146 -2.24 0.11 24.77
C TYR B 146 -0.93 -0.66 24.95
N LEU B 147 -0.26 -1.00 23.86
CA LEU B 147 1.03 -1.64 23.98
C LEU B 147 2.04 -0.79 24.72
N ASN B 148 2.04 0.50 24.43
CA ASN B 148 2.92 1.43 25.10
C ASN B 148 2.62 1.45 26.59
N ASN B 149 1.36 1.34 26.95
CA ASN B 149 1.02 1.28 28.37
C ASN B 149 1.42 -0.04 29.06
N THR B 150 1.56 -1.13 28.31
CA THR B 150 1.63 -2.46 28.95
C THR B 150 2.93 -3.26 28.74
N LYS B 151 3.65 -3.07 27.62
CA LYS B 151 4.82 -3.89 27.35
C LYS B 151 6.10 -3.06 27.29
N TYR B 152 7.21 -3.69 27.68
CA TYR B 152 8.51 -3.05 27.63
C TYR B 152 9.18 -3.43 26.32
N HIS B 153 8.58 -2.93 25.24
CA HIS B 153 8.98 -3.31 23.90
C HIS B 153 9.41 -2.11 23.09
N HIS B 154 9.88 -2.35 21.87
CA HIS B 154 10.30 -1.27 20.99
C HIS B 154 9.29 -1.12 19.86
N ILE B 155 8.61 0.01 19.83
CA ILE B 155 7.70 0.33 18.77
C ILE B 155 8.37 1.29 17.76
N LEU B 156 8.54 0.80 16.53
CA LEU B 156 9.13 1.60 15.47
C LEU B 156 8.00 1.91 14.49
N THR B 157 7.88 3.15 14.03
CA THR B 157 6.84 3.47 13.03
C THR B 157 7.45 4.16 11.81
N ILE B 158 6.79 4.00 10.66
CA ILE B 158 7.26 4.58 9.42
C ILE B 158 6.04 5.20 8.79
N GLU B 159 6.07 6.51 8.55
CA GLU B 159 4.83 7.24 8.24
C GLU B 159 5.08 8.36 7.21
N ASP B 160 4.04 8.68 6.44
CA ASP B 160 4.15 9.65 5.37
C ASP B 160 2.91 10.52 5.36
N PRO B 161 2.88 11.56 6.19
CA PRO B 161 3.82 11.98 7.24
C PRO B 161 3.48 11.28 8.56
N ILE B 162 4.19 11.57 9.66
CA ILE B 162 3.77 11.04 10.96
C ILE B 162 2.43 11.66 11.29
N GLU B 163 1.45 10.84 11.63
CA GLU B 163 0.16 11.38 12.05
C GLU B 163 0.15 11.61 13.58
N PHE B 164 -0.12 10.55 14.35
CA PHE B 164 -0.13 10.64 15.81
C PHE B 164 1.27 10.54 16.39
N VAL B 165 1.54 11.36 17.40
CA VAL B 165 2.83 11.31 18.06
C VAL B 165 2.66 10.64 19.42
N HIS B 166 3.35 9.51 19.62
CA HIS B 166 3.24 8.83 20.90
C HIS B 166 4.35 9.26 21.83
N GLU B 167 4.12 9.15 23.13
CA GLU B 167 5.17 9.44 24.08
C GLU B 167 5.64 8.13 24.69
N SER B 168 6.95 7.94 24.84
CA SER B 168 7.44 6.67 25.35
C SER B 168 7.01 6.44 26.78
N LYS B 169 6.12 5.47 27.00
CA LYS B 169 5.75 5.08 28.36
C LYS B 169 6.55 3.81 28.72
N LYS B 170 5.98 2.62 28.60
CA LYS B 170 6.78 1.41 28.82
C LYS B 170 7.55 1.02 27.58
N CYS B 171 7.01 1.34 26.40
CA CYS B 171 7.73 1.02 25.20
C CYS B 171 8.68 2.13 24.82
N LEU B 172 9.80 1.77 24.21
CA LEU B 172 10.57 2.76 23.47
C LEU B 172 9.81 2.95 22.16
N VAL B 173 9.48 4.20 21.84
CA VAL B 173 8.78 4.52 20.60
C VAL B 173 9.64 5.37 19.65
N ASN B 174 9.93 4.86 18.47
CA ASN B 174 10.67 5.63 17.45
C ASN B 174 9.79 5.80 16.23
N GLN B 175 9.47 7.05 15.89
CA GLN B 175 8.61 7.31 14.76
C GLN B 175 9.45 7.92 13.65
N ARG B 176 9.32 7.38 12.44
CA ARG B 176 10.18 7.83 11.34
C ARG B 176 9.39 8.50 10.21
N GLU B 177 9.66 9.78 9.97
CA GLU B 177 8.86 10.49 8.96
C GLU B 177 9.49 10.25 7.59
N VAL B 178 8.72 9.66 6.68
CA VAL B 178 9.21 9.41 5.32
C VAL B 178 9.59 10.74 4.65
N HIS B 179 10.64 10.72 3.82
CA HIS B 179 11.18 11.94 3.17
C HIS B 179 11.99 12.85 4.10
N ARG B 180 11.77 12.77 5.40
CA ARG B 180 12.52 13.60 6.34
C ARG B 180 13.48 12.79 7.21
N ASP B 181 12.97 11.76 7.88
CA ASP B 181 13.81 10.91 8.73
C ASP B 181 14.30 9.66 7.99
N THR B 182 13.71 9.38 6.84
CA THR B 182 14.14 8.27 6.01
C THR B 182 13.80 8.55 4.57
N LEU B 183 14.47 7.88 3.66
CA LEU B 183 14.23 8.17 2.24
C LEU B 183 12.96 7.53 1.69
N GLY B 184 12.54 6.41 2.28
CA GLY B 184 11.32 5.74 1.83
C GLY B 184 10.93 4.57 2.69
N PHE B 185 9.74 4.04 2.45
CA PHE B 185 9.26 2.90 3.19
C PHE B 185 10.20 1.71 3.10
N SER B 186 10.67 1.43 1.90
CA SER B 186 11.55 0.30 1.69
C SER B 186 12.80 0.40 2.54
N GLU B 187 13.46 1.56 2.46
CA GLU B 187 14.72 1.76 3.18
C GLU B 187 14.49 1.58 4.69
N ALA B 188 13.49 2.26 5.20
CA ALA B 188 13.17 2.16 6.61
C ALA B 188 12.85 0.72 7.00
N LEU B 189 12.10 0.02 6.15
CA LEU B 189 11.76 -1.36 6.48
C LEU B 189 12.97 -2.28 6.45
N ARG B 190 13.83 -2.13 5.45
CA ARG B 190 15.06 -2.89 5.43
C ARG B 190 15.88 -2.58 6.68
N SER B 191 15.85 -1.32 7.13
CA SER B 191 16.58 -0.93 8.34
C SER B 191 15.94 -1.46 9.61
N ALA B 192 14.61 -1.42 9.63
CA ALA B 192 13.89 -1.88 10.77
C ALA B 192 14.44 -3.22 11.28
N LEU B 193 14.62 -4.17 10.37
CA LEU B 193 15.06 -5.51 10.80
C LEU B 193 16.33 -5.47 11.63
N ARG B 194 17.08 -4.37 11.53
CA ARG B 194 18.32 -4.26 12.29
C ARG B 194 18.30 -3.12 13.35
N GLU B 195 17.08 -2.65 13.68
CA GLU B 195 16.88 -1.64 14.71
C GLU B 195 16.21 -2.28 15.94
N ASP B 196 16.31 -3.59 16.04
CA ASP B 196 15.74 -4.33 17.18
C ASP B 196 14.35 -3.85 17.60
N PRO B 197 13.36 -4.02 16.73
CA PRO B 197 12.00 -3.60 17.04
C PRO B 197 11.09 -4.74 17.48
N ASP B 198 10.26 -4.60 18.49
CA ASP B 198 9.26 -5.63 18.63
C ASP B 198 8.11 -5.39 17.71
N ILE B 199 7.74 -4.12 17.52
CA ILE B 199 6.47 -3.76 16.88
C ILE B 199 6.72 -2.74 15.77
N ILE B 200 6.15 -2.95 14.58
CA ILE B 200 6.39 -2.04 13.46
C ILE B 200 5.11 -1.56 12.81
N LEU B 201 4.93 -0.24 12.74
CA LEU B 201 3.79 0.31 12.02
C LEU B 201 4.21 0.75 10.63
N VAL B 202 3.67 0.10 9.61
CA VAL B 202 3.90 0.56 8.24
C VAL B 202 2.72 1.44 7.81
N GLY B 203 2.93 2.74 7.79
CA GLY B 203 1.85 3.69 7.52
C GLY B 203 1.04 3.36 6.26
N GLU B 204 1.73 3.01 5.18
CA GLU B 204 1.04 2.74 3.93
C GLU B 204 1.58 1.47 3.33
N MET B 205 0.70 0.52 3.03
CA MET B 205 1.15 -0.57 2.19
C MET B 205 1.34 -0.02 0.77
N ARG B 206 2.32 0.88 0.63
CA ARG B 206 2.50 1.73 -0.52
C ARG B 206 2.68 0.99 -1.85
N ASP B 207 3.58 0.01 -1.88
CA ASP B 207 3.88 -0.66 -3.13
C ASP B 207 4.23 -2.12 -2.85
N LEU B 208 4.46 -2.87 -3.91
CA LEU B 208 4.73 -4.29 -3.77
C LEU B 208 5.93 -4.53 -2.84
N GLU B 209 6.94 -3.68 -3.02
CA GLU B 209 8.15 -3.77 -2.23
C GLU B 209 7.88 -3.57 -0.74
N THR B 210 7.09 -2.56 -0.41
CA THR B 210 6.72 -2.34 0.97
C THR B 210 6.05 -3.59 1.51
N ILE B 211 5.17 -4.19 0.72
CA ILE B 211 4.43 -5.37 1.18
C ILE B 211 5.39 -6.51 1.41
N ARG B 212 6.26 -6.74 0.44
CA ARG B 212 7.25 -7.79 0.57
C ARG B 212 7.99 -7.64 1.90
N LEU B 213 8.53 -6.45 2.11
CA LEU B 213 9.32 -6.20 3.29
C LEU B 213 8.45 -6.28 4.56
N ALA B 214 7.22 -5.81 4.48
CA ALA B 214 6.31 -5.95 5.63
C ALA B 214 6.15 -7.45 5.97
N LEU B 215 5.87 -8.25 4.94
CA LEU B 215 5.73 -9.68 5.16
C LEU B 215 7.01 -10.33 5.69
N THR B 216 8.14 -9.97 5.08
CA THR B 216 9.42 -10.43 5.60
C THR B 216 9.54 -10.05 7.07
N ALA B 217 9.23 -8.79 7.39
CA ALA B 217 9.33 -8.35 8.77
C ALA B 217 8.43 -9.16 9.70
N ALA B 218 7.21 -9.49 9.26
CA ALA B 218 6.32 -10.27 10.13
C ALA B 218 6.84 -11.68 10.27
N GLU B 219 7.08 -12.32 9.13
CA GLU B 219 7.63 -13.67 9.13
C GLU B 219 8.89 -13.78 9.96
N THR B 220 9.77 -12.77 9.87
CA THR B 220 11.02 -12.83 10.62
C THR B 220 10.81 -12.88 12.15
N GLY B 221 9.61 -12.56 12.62
CA GLY B 221 9.33 -12.60 14.06
C GLY B 221 8.81 -11.30 14.72
N HIS B 222 8.78 -10.19 14.00
CA HIS B 222 8.26 -8.98 14.60
C HIS B 222 6.73 -8.95 14.54
N LEU B 223 6.12 -8.05 15.30
CA LEU B 223 4.70 -7.79 15.15
C LEU B 223 4.52 -6.58 14.24
N VAL B 224 3.89 -6.77 13.08
CA VAL B 224 3.74 -5.70 12.08
C VAL B 224 2.28 -5.25 12.00
N PHE B 225 2.05 -3.93 11.97
CA PHE B 225 0.71 -3.35 11.76
C PHE B 225 0.72 -2.63 10.42
N GLY B 226 -0.26 -2.93 9.55
CA GLY B 226 -0.35 -2.25 8.27
C GLY B 226 -1.76 -1.86 7.90
N THR B 227 -1.90 -1.10 6.82
CA THR B 227 -3.23 -0.67 6.41
C THR B 227 -3.49 -0.87 4.94
N LEU B 228 -4.77 -1.00 4.61
CA LEU B 228 -5.19 -0.96 3.23
C LEU B 228 -6.50 -0.21 3.20
N HIS B 229 -6.93 0.20 2.00
CA HIS B 229 -8.21 0.84 1.85
C HIS B 229 -9.39 -0.07 1.52
N THR B 230 -9.26 -1.36 1.85
CA THR B 230 -10.28 -2.34 1.52
C THR B 230 -11.37 -2.33 2.59
N THR B 231 -12.52 -2.93 2.32
CA THR B 231 -13.68 -2.75 3.18
C THR B 231 -14.13 -3.98 3.97
N SER B 232 -13.42 -5.09 3.84
CA SER B 232 -13.83 -6.30 4.52
C SER B 232 -12.61 -7.19 4.69
N ALA B 233 -12.65 -8.11 5.62
CA ALA B 233 -11.55 -9.03 5.80
C ALA B 233 -11.20 -9.80 4.49
N ALA B 234 -12.21 -10.31 3.80
CA ALA B 234 -11.95 -11.06 2.59
C ALA B 234 -11.24 -10.22 1.53
N LYS B 235 -11.86 -9.10 1.17
CA LYS B 235 -11.31 -8.20 0.17
C LYS B 235 -9.86 -7.81 0.50
N THR B 236 -9.60 -7.62 1.79
CA THR B 236 -8.26 -7.31 2.21
C THR B 236 -7.32 -8.43 1.81
N ILE B 237 -7.72 -9.66 2.12
CA ILE B 237 -6.86 -10.77 1.85
C ILE B 237 -6.69 -10.94 0.35
N ASP B 238 -7.79 -10.93 -0.40
CA ASP B 238 -7.68 -10.99 -1.85
C ASP B 238 -6.68 -9.93 -2.30
N ARG B 239 -6.91 -8.69 -1.86
CA ARG B 239 -6.16 -7.59 -2.43
C ARG B 239 -4.66 -7.78 -2.23
N VAL B 240 -4.26 -8.17 -1.03
CA VAL B 240 -2.84 -8.37 -0.75
C VAL B 240 -2.22 -9.33 -1.78
N VAL B 241 -2.95 -10.36 -2.18
CA VAL B 241 -2.43 -11.28 -3.16
C VAL B 241 -2.60 -10.72 -4.58
N ASP B 242 -3.79 -10.22 -4.88
CA ASP B 242 -4.07 -9.81 -6.25
C ASP B 242 -3.01 -8.87 -6.80
N VAL B 243 -2.55 -7.94 -5.98
CA VAL B 243 -1.62 -6.93 -6.48
C VAL B 243 -0.32 -7.47 -7.07
N PHE B 244 0.07 -8.69 -6.74
CA PHE B 244 1.32 -9.22 -7.23
C PHE B 244 1.14 -9.87 -8.58
N PRO B 245 2.20 -9.83 -9.43
CA PRO B 245 2.16 -10.58 -10.69
C PRO B 245 2.10 -12.09 -10.46
N ALA B 246 1.58 -12.79 -11.46
CA ALA B 246 1.32 -14.23 -11.35
C ALA B 246 2.46 -15.03 -10.73
N GLU B 247 3.68 -14.84 -11.24
CA GLU B 247 4.80 -15.64 -10.76
C GLU B 247 5.00 -15.54 -9.25
N GLU B 248 4.57 -14.45 -8.64
CA GLU B 248 4.88 -14.16 -7.25
C GLU B 248 3.69 -14.43 -6.30
N LYS B 249 2.51 -14.69 -6.86
CA LYS B 249 1.28 -14.79 -6.08
C LYS B 249 1.32 -15.91 -5.03
N ALA B 250 1.74 -17.10 -5.44
CA ALA B 250 1.74 -18.25 -4.55
C ALA B 250 2.52 -18.01 -3.26
N MET B 251 3.74 -17.49 -3.37
CA MET B 251 4.54 -17.31 -2.19
C MET B 251 3.90 -16.26 -1.27
N VAL B 252 3.34 -15.20 -1.85
CA VAL B 252 2.66 -14.17 -1.05
C VAL B 252 1.47 -14.80 -0.34
N ARG B 253 0.69 -15.59 -1.09
CA ARG B 253 -0.40 -16.32 -0.48
C ARG B 253 0.09 -17.17 0.70
N SER B 254 1.17 -17.91 0.49
CA SER B 254 1.66 -18.79 1.54
C SER B 254 2.21 -17.99 2.71
N MET B 255 3.13 -17.08 2.45
CA MET B 255 3.60 -16.20 3.53
C MET B 255 2.43 -15.64 4.34
N LEU B 256 1.42 -15.15 3.64
CA LEU B 256 0.31 -14.49 4.32
C LEU B 256 -0.48 -15.46 5.21
N SER B 257 -0.73 -16.65 4.68
CA SER B 257 -1.41 -17.68 5.43
C SER B 257 -0.68 -17.94 6.75
N GLU B 258 0.63 -18.09 6.66
CA GLU B 258 1.39 -18.30 7.88
C GLU B 258 1.37 -17.09 8.82
N SER B 259 1.63 -15.89 8.31
CA SER B 259 1.85 -14.73 9.20
C SER B 259 0.62 -13.94 9.62
N LEU B 260 -0.47 -14.01 8.88
CA LEU B 260 -1.59 -13.12 9.18
C LEU B 260 -2.21 -13.49 10.53
N GLN B 261 -2.35 -12.52 11.42
CA GLN B 261 -2.97 -12.77 12.74
C GLN B 261 -4.39 -12.23 12.85
N SER B 262 -4.66 -11.10 12.22
CA SER B 262 -5.98 -10.48 12.29
C SER B 262 -6.18 -9.44 11.23
N VAL B 263 -7.45 -9.25 10.88
CA VAL B 263 -7.82 -8.16 10.01
C VAL B 263 -8.99 -7.43 10.65
N ILE B 264 -8.88 -6.11 10.67
CA ILE B 264 -9.88 -5.27 11.27
C ILE B 264 -10.30 -4.27 10.21
N SER B 265 -11.48 -4.45 9.64
CA SER B 265 -11.93 -3.53 8.61
C SER B 265 -13.00 -2.63 9.20
N GLN B 266 -12.98 -1.35 8.86
CA GLN B 266 -13.66 -0.38 9.70
C GLN B 266 -14.32 0.74 8.91
N THR B 267 -15.36 1.32 9.49
CA THR B 267 -15.99 2.50 8.93
C THR B 267 -16.62 3.35 10.03
N LEU B 268 -16.80 4.64 9.76
CA LEU B 268 -17.39 5.56 10.74
C LEU B 268 -18.84 5.86 10.38
N ARG B 276 -19.68 10.79 15.39
CA ARG B 276 -19.69 9.48 14.75
C ARG B 276 -19.17 8.38 15.67
N VAL B 277 -19.42 7.14 15.29
CA VAL B 277 -18.91 5.98 16.02
C VAL B 277 -18.33 4.99 15.00
N ALA B 278 -17.35 4.18 15.42
CA ALA B 278 -16.72 3.21 14.53
C ALA B 278 -17.43 1.87 14.56
N ALA B 279 -17.52 1.22 13.41
CA ALA B 279 -18.00 -0.15 13.33
C ALA B 279 -16.87 -0.97 12.74
N HIS B 280 -16.71 -2.20 13.22
CA HIS B 280 -15.55 -3.00 12.82
C HIS B 280 -15.93 -4.39 12.38
N GLU B 281 -15.34 -4.85 11.29
CA GLU B 281 -15.32 -6.28 11.00
C GLU B 281 -14.02 -6.80 11.58
N ILE B 282 -14.07 -7.96 12.25
CA ILE B 282 -12.90 -8.51 12.91
C ILE B 282 -12.72 -9.98 12.57
N MET B 283 -11.53 -10.32 12.08
CA MET B 283 -11.18 -11.68 11.76
C MET B 283 -9.93 -12.02 12.54
N ILE B 284 -9.86 -13.25 13.06
CA ILE B 284 -8.68 -13.71 13.79
C ILE B 284 -8.08 -14.96 13.15
N GLY B 285 -6.76 -14.94 12.96
CA GLY B 285 -6.06 -15.95 12.18
C GLY B 285 -5.88 -17.35 12.77
N THR B 286 -6.95 -18.13 12.71
CA THR B 286 -6.96 -19.51 13.18
C THR B 286 -6.54 -20.49 12.07
N PRO B 287 -6.07 -21.70 12.42
CA PRO B 287 -5.68 -22.70 11.42
C PRO B 287 -6.69 -22.88 10.27
N ALA B 288 -7.97 -22.99 10.58
CA ALA B 288 -8.95 -23.18 9.53
C ALA B 288 -8.88 -22.03 8.52
N ILE B 289 -8.92 -20.80 9.04
CA ILE B 289 -8.87 -19.64 8.18
C ILE B 289 -7.53 -19.61 7.43
N ARG B 290 -6.45 -19.94 8.13
CA ARG B 290 -5.16 -20.01 7.47
C ARG B 290 -5.20 -20.98 6.29
N ASN B 291 -5.84 -22.13 6.48
CA ASN B 291 -6.05 -23.00 5.31
C ASN B 291 -6.88 -22.32 4.22
N LEU B 292 -7.96 -21.66 4.62
CA LEU B 292 -8.76 -20.98 3.61
C LEU B 292 -7.87 -20.08 2.76
N ILE B 293 -6.99 -19.32 3.42
CA ILE B 293 -6.07 -18.44 2.71
C ILE B 293 -5.07 -19.24 1.88
N ARG B 294 -4.48 -20.25 2.50
CA ARG B 294 -3.44 -21.06 1.88
C ARG B 294 -3.97 -21.80 0.66
N GLU B 295 -5.16 -22.35 0.80
CA GLU B 295 -5.76 -23.12 -0.28
C GLU B 295 -6.48 -22.24 -1.31
N ASP B 296 -6.53 -20.94 -1.06
CA ASP B 296 -7.19 -20.02 -1.97
C ASP B 296 -8.69 -20.28 -2.01
N LYS B 297 -9.29 -20.39 -0.83
CA LYS B 297 -10.73 -20.60 -0.70
C LYS B 297 -11.31 -19.52 0.21
N VAL B 298 -10.70 -18.34 0.15
CA VAL B 298 -11.11 -17.23 1.01
C VAL B 298 -12.61 -16.92 0.88
N ALA B 299 -13.19 -17.23 -0.27
CA ALA B 299 -14.63 -17.06 -0.45
C ALA B 299 -15.44 -17.59 0.75
N GLN B 300 -14.97 -18.66 1.37
CA GLN B 300 -15.67 -19.23 2.51
C GLN B 300 -15.50 -18.43 3.79
N MET B 301 -14.52 -17.54 3.85
CA MET B 301 -14.13 -16.92 5.12
C MET B 301 -15.23 -16.09 5.78
N TYR B 302 -16.05 -15.43 4.98
CA TYR B 302 -17.10 -14.60 5.54
C TYR B 302 -17.95 -15.35 6.58
N SER B 303 -18.33 -16.59 6.28
CA SER B 303 -19.08 -17.37 7.25
C SER B 303 -18.18 -17.81 8.39
N ALA B 304 -16.94 -18.15 8.08
CA ALA B 304 -16.00 -18.48 9.13
C ALA B 304 -15.91 -17.34 10.16
N ILE B 305 -16.02 -16.10 9.70
CA ILE B 305 -16.08 -14.99 10.65
C ILE B 305 -17.38 -15.11 11.44
N GLN B 306 -18.49 -15.29 10.75
CA GLN B 306 -19.78 -15.42 11.42
C GLN B 306 -19.74 -16.45 12.56
N THR B 307 -19.03 -17.55 12.36
CA THR B 307 -18.96 -18.58 13.41
C THR B 307 -17.79 -18.45 14.39
N GLY B 308 -17.06 -17.35 14.31
CA GLY B 308 -15.90 -17.16 15.19
C GLY B 308 -16.13 -16.24 16.36
N GLY B 309 -17.39 -16.08 16.76
CA GLY B 309 -17.75 -15.18 17.87
C GLY B 309 -16.98 -15.44 19.15
N SER B 310 -16.75 -16.72 19.46
CA SER B 310 -16.07 -17.07 20.70
C SER B 310 -14.71 -16.37 20.82
N LEU B 311 -13.99 -16.24 19.71
CA LEU B 311 -12.71 -15.57 19.73
C LEU B 311 -12.83 -14.05 19.60
N GLY B 312 -14.06 -13.57 19.42
CA GLY B 312 -14.28 -12.14 19.23
C GLY B 312 -14.34 -11.70 17.77
N MET B 313 -14.47 -12.65 16.85
CA MET B 313 -14.67 -12.31 15.44
C MET B 313 -16.08 -11.76 15.25
N GLN B 314 -16.29 -11.02 14.18
CA GLN B 314 -17.59 -10.45 13.88
C GLN B 314 -17.55 -9.87 12.47
N THR B 315 -18.64 -10.05 11.72
CA THR B 315 -18.73 -9.42 10.40
C THR B 315 -19.09 -7.96 10.57
N LEU B 316 -18.81 -7.15 9.56
CA LEU B 316 -19.24 -5.78 9.58
C LEU B 316 -20.74 -5.71 9.89
N ASP B 317 -21.57 -6.41 9.12
CA ASP B 317 -23.01 -6.42 9.39
C ASP B 317 -23.40 -6.79 10.83
N MET B 318 -22.76 -7.81 11.41
CA MET B 318 -23.03 -8.18 12.81
C MET B 318 -22.83 -6.99 13.73
N CYS B 319 -21.65 -6.39 13.64
CA CYS B 319 -21.34 -5.27 14.49
C CYS B 319 -22.40 -4.18 14.31
N LEU B 320 -22.83 -3.95 13.08
CA LEU B 320 -23.83 -2.93 12.83
C LEU B 320 -25.16 -3.18 13.53
N LYS B 321 -25.41 -4.43 13.96
CA LYS B 321 -26.64 -4.73 14.67
C LYS B 321 -26.56 -4.39 16.16
N GLY B 322 -25.39 -3.92 16.62
CA GLY B 322 -25.28 -3.34 17.93
C GLY B 322 -25.60 -1.85 17.82
N SER B 330 -28.38 5.17 13.50
CA SER B 330 -29.67 4.99 12.87
C SER B 330 -29.71 3.75 12.00
N ARG B 331 -30.84 3.06 12.01
CA ARG B 331 -31.00 1.86 11.18
C ARG B 331 -30.66 2.17 9.73
N GLU B 332 -31.12 3.32 9.24
CA GLU B 332 -30.86 3.69 7.87
C GLU B 332 -29.37 3.91 7.63
N ASN B 333 -28.75 4.78 8.44
CA ASN B 333 -27.30 4.93 8.42
C ASN B 333 -26.61 3.58 8.43
N ALA B 334 -27.09 2.69 9.28
CA ALA B 334 -26.55 1.35 9.35
C ALA B 334 -26.65 0.67 7.99
N ARG B 335 -27.83 0.71 7.39
CA ARG B 335 -28.01 0.00 6.11
C ARG B 335 -27.19 0.63 4.98
N GLU B 336 -26.98 1.94 5.03
CA GLU B 336 -26.10 2.58 4.05
C GLU B 336 -24.76 1.85 3.95
N LYS B 337 -24.27 1.32 5.07
CA LYS B 337 -22.94 0.73 5.11
C LYS B 337 -22.90 -0.79 5.28
N ALA B 338 -24.05 -1.44 5.21
CA ALA B 338 -24.11 -2.88 5.45
C ALA B 338 -23.77 -3.66 4.19
N LYS B 339 -23.06 -4.76 4.35
CA LYS B 339 -22.82 -5.63 3.22
C LYS B 339 -24.16 -6.14 2.68
N ILE B 340 -25.08 -6.49 3.58
CA ILE B 340 -26.39 -7.01 3.22
C ILE B 340 -27.51 -6.14 3.80
N PRO B 341 -28.01 -5.16 3.04
CA PRO B 341 -29.09 -4.34 3.61
C PRO B 341 -30.38 -5.10 3.92
N GLU B 342 -30.82 -5.02 5.17
CA GLU B 342 -31.96 -5.78 5.65
C GLU B 342 -32.60 -5.10 6.86
N MET C 1 30.17 9.76 31.31
CA MET C 1 29.48 8.51 30.82
C MET C 1 29.46 8.50 29.29
N ASP C 2 30.55 8.05 28.67
CA ASP C 2 30.62 8.02 27.22
C ASP C 2 30.05 6.71 26.67
N ILE C 3 30.04 6.60 25.36
CA ILE C 3 29.46 5.42 24.70
C ILE C 3 30.19 4.13 25.09
N THR C 4 31.50 4.22 25.23
CA THR C 4 32.25 3.07 25.71
C THR C 4 31.73 2.65 27.09
N GLU C 5 31.61 3.59 28.01
CA GLU C 5 31.11 3.27 29.33
C GLU C 5 29.71 2.68 29.21
N LEU C 6 28.83 3.33 28.46
CA LEU C 6 27.48 2.81 28.28
C LEU C 6 27.50 1.36 27.81
N LEU C 7 28.26 1.08 26.77
CA LEU C 7 28.30 -0.28 26.26
C LEU C 7 28.86 -1.24 27.32
N ALA C 8 29.91 -0.81 28.01
CA ALA C 8 30.46 -1.64 29.08
C ALA C 8 29.38 -1.94 30.10
N PHE C 9 28.61 -0.91 30.47
CA PHE C 9 27.52 -1.10 31.40
C PHE C 9 26.49 -2.10 30.86
N SER C 10 26.10 -1.92 29.60
CA SER C 10 25.16 -2.85 28.98
C SER C 10 25.66 -4.29 29.08
N ALA C 11 26.94 -4.49 28.79
CA ALA C 11 27.52 -5.83 28.91
C ALA C 11 27.48 -6.29 30.37
N LYS C 12 27.92 -5.44 31.29
CA LYS C 12 27.78 -5.76 32.71
C LYS C 12 26.34 -6.21 33.06
N GLN C 13 25.33 -5.59 32.46
CA GLN C 13 23.95 -5.98 32.75
C GLN C 13 23.45 -7.16 31.92
N GLY C 14 24.34 -7.79 31.16
CA GLY C 14 23.91 -8.85 30.28
C GLY C 14 22.86 -8.42 29.25
N ALA C 15 22.97 -7.20 28.75
CA ALA C 15 22.03 -6.74 27.71
C ALA C 15 22.39 -7.25 26.31
N SER C 16 21.37 -7.62 25.53
CA SER C 16 21.54 -7.91 24.11
C SER C 16 21.65 -6.67 23.22
N ASP C 17 20.98 -5.59 23.61
CA ASP C 17 20.94 -4.40 22.79
C ASP C 17 21.00 -3.17 23.65
N LEU C 18 21.68 -2.13 23.15
CA LEU C 18 21.61 -0.80 23.73
C LEU C 18 20.96 0.14 22.73
N HIS C 19 19.99 0.92 23.18
CA HIS C 19 19.32 1.87 22.32
C HIS C 19 19.62 3.30 22.70
N LEU C 20 19.98 4.13 21.73
CA LEU C 20 19.98 5.56 21.97
C LEU C 20 18.82 6.14 21.20
N SER C 21 18.14 7.12 21.78
CA SER C 21 17.08 7.79 21.05
C SER C 21 16.89 9.18 21.59
N ALA C 22 17.15 10.19 20.76
CA ALA C 22 16.97 11.57 21.18
C ALA C 22 15.71 11.75 22.01
N GLY C 23 15.87 12.43 23.14
CA GLY C 23 14.76 12.70 24.06
C GLY C 23 14.53 11.64 25.11
N LEU C 24 15.43 10.67 25.21
CA LEU C 24 15.27 9.56 26.15
C LEU C 24 16.61 9.24 26.76
N PRO C 25 16.61 8.62 27.94
CA PRO C 25 17.87 8.16 28.50
C PRO C 25 18.25 6.90 27.77
N PRO C 26 19.51 6.44 27.93
CA PRO C 26 19.87 5.23 27.21
C PRO C 26 19.01 4.08 27.69
N MET C 27 18.66 3.17 26.81
CA MET C 27 17.85 2.01 27.21
C MET C 27 18.52 0.73 26.77
N ILE C 28 18.29 -0.34 27.53
CA ILE C 28 18.92 -1.62 27.22
C ILE C 28 17.88 -2.73 27.19
N ARG C 29 18.11 -3.71 26.33
CA ARG C 29 17.23 -4.85 26.33
C ARG C 29 17.86 -6.01 27.07
N VAL C 30 17.14 -6.50 28.07
CA VAL C 30 17.60 -7.60 28.90
C VAL C 30 16.52 -8.64 28.90
N ASP C 31 16.87 -9.89 28.62
CA ASP C 31 15.87 -10.95 28.59
C ASP C 31 14.56 -10.56 27.88
N GLY C 32 14.69 -9.84 26.77
CA GLY C 32 13.53 -9.46 25.97
C GLY C 32 13.00 -8.05 26.16
N ASP C 33 13.07 -7.54 27.38
CA ASP C 33 12.44 -6.26 27.72
C ASP C 33 13.42 -5.12 27.60
N VAL C 34 12.98 -4.04 26.96
CA VAL C 34 13.74 -2.82 26.89
C VAL C 34 13.41 -1.95 28.11
N ARG C 35 14.43 -1.51 28.85
CA ARG C 35 14.21 -0.64 30.00
C ARG C 35 15.25 0.49 30.05
N ARG C 36 14.83 1.65 30.56
CA ARG C 36 15.70 2.85 30.66
C ARG C 36 16.80 2.63 31.66
N ILE C 37 18.03 2.97 31.29
CA ILE C 37 19.10 3.05 32.27
C ILE C 37 18.82 4.27 33.15
N ASN C 38 19.14 4.17 34.44
CA ASN C 38 18.97 5.31 35.33
C ASN C 38 19.95 6.43 35.00
N LEU C 39 19.71 7.14 33.90
CA LEU C 39 20.56 8.24 33.48
C LEU C 39 19.69 9.34 32.93
N PRO C 40 20.23 10.57 32.80
CA PRO C 40 19.40 11.64 32.24
C PRO C 40 18.98 11.39 30.80
N PRO C 41 17.90 12.05 30.36
CA PRO C 41 17.55 11.97 28.95
C PRO C 41 18.69 12.51 28.10
N LEU C 42 18.86 11.92 26.92
CA LEU C 42 19.86 12.37 25.98
C LEU C 42 19.16 13.17 24.88
N GLU C 43 19.56 14.43 24.69
CA GLU C 43 18.98 15.24 23.63
C GLU C 43 19.68 15.01 22.30
N HIS C 44 18.98 15.36 21.22
CA HIS C 44 19.48 15.18 19.86
C HIS C 44 20.97 15.45 19.70
N LYS C 45 21.43 16.58 20.23
CA LYS C 45 22.81 16.98 20.05
C LYS C 45 23.73 15.93 20.64
N GLN C 46 23.37 15.43 21.82
CA GLN C 46 24.22 14.48 22.51
C GLN C 46 24.20 13.14 21.79
N VAL C 47 23.00 12.63 21.50
CA VAL C 47 22.90 11.39 20.75
C VAL C 47 23.67 11.52 19.47
N HIS C 48 23.50 12.64 18.78
CA HIS C 48 24.17 12.80 17.52
C HIS C 48 25.67 12.76 17.64
N ALA C 49 26.19 13.50 18.60
CA ALA C 49 27.62 13.41 18.89
C ALA C 49 28.06 11.97 19.19
N LEU C 50 27.37 11.31 20.13
CA LEU C 50 27.76 9.95 20.49
C LEU C 50 27.92 9.07 19.26
N ILE C 51 27.00 9.20 18.31
CA ILE C 51 27.06 8.42 17.08
C ILE C 51 28.15 8.94 16.15
N TYR C 52 28.11 10.24 15.87
CA TYR C 52 29.00 10.80 14.87
C TYR C 52 30.46 10.62 15.22
N ASP C 53 30.80 10.73 16.50
CA ASP C 53 32.17 10.48 16.94
C ASP C 53 32.68 9.08 16.62
N ILE C 54 31.86 8.05 16.80
CA ILE C 54 32.31 6.72 16.47
C ILE C 54 32.48 6.54 14.96
N MET C 55 31.55 7.08 14.18
CA MET C 55 31.56 6.79 12.76
C MET C 55 32.88 7.18 12.08
N ASN C 56 33.25 6.46 11.02
CA ASN C 56 34.30 6.92 10.12
C ASN C 56 33.69 7.79 9.02
N ASP C 57 34.52 8.39 8.19
CA ASP C 57 34.03 9.34 7.22
C ASP C 57 33.04 8.76 6.23
N LYS C 58 33.29 7.55 5.76
CA LYS C 58 32.33 6.94 4.87
C LYS C 58 31.01 6.78 5.60
N GLN C 59 31.07 6.20 6.80
CA GLN C 59 29.87 5.96 7.58
C GLN C 59 29.11 7.26 7.83
N ARG C 60 29.85 8.32 8.13
CA ARG C 60 29.21 9.61 8.29
C ARG C 60 28.52 10.00 6.99
N LYS C 61 29.20 9.81 5.86
CA LYS C 61 28.60 10.18 4.59
C LYS C 61 27.38 9.33 4.26
N ASP C 62 27.51 8.01 4.38
CA ASP C 62 26.36 7.14 4.19
C ASP C 62 25.23 7.67 5.06
N PHE C 63 25.52 7.82 6.35
CA PHE C 63 24.48 8.22 7.29
C PHE C 63 23.86 9.57 6.93
N GLU C 64 24.73 10.53 6.64
CA GLU C 64 24.29 11.87 6.32
C GLU C 64 23.47 11.95 5.05
N GLU C 65 23.85 11.19 4.02
CA GLU C 65 23.12 11.31 2.76
C GLU C 65 21.97 10.31 2.62
N PHE C 66 22.15 9.10 3.11
CA PHE C 66 21.05 8.12 3.10
C PHE C 66 20.13 8.21 4.32
N LEU C 67 20.50 8.99 5.33
CA LEU C 67 19.65 9.16 6.51
C LEU C 67 19.66 7.97 7.47
N GLU C 68 20.33 6.90 7.09
CA GLU C 68 20.49 5.77 7.99
C GLU C 68 21.64 4.88 7.48
N THR C 69 22.24 4.10 8.36
CA THR C 69 23.27 3.17 7.93
C THR C 69 23.61 2.14 8.99
N ASP C 70 24.37 1.14 8.55
CA ASP C 70 24.76 0.04 9.40
C ASP C 70 26.24 -0.16 9.38
N PHE C 71 26.80 -0.57 10.51
CA PHE C 71 28.22 -0.88 10.57
C PHE C 71 28.55 -1.64 11.84
N SER C 72 29.75 -2.21 11.90
CA SER C 72 30.20 -2.90 13.11
C SER C 72 31.11 -1.97 13.88
N PHE C 73 31.15 -2.14 15.21
CA PHE C 73 31.94 -1.28 16.06
C PHE C 73 32.52 -2.14 17.17
N GLU C 74 33.74 -1.83 17.59
CA GLU C 74 34.40 -2.66 18.59
C GLU C 74 34.90 -1.84 19.76
N VAL C 75 34.67 -2.38 20.96
CA VAL C 75 35.17 -1.79 22.19
C VAL C 75 36.23 -2.74 22.71
N PRO C 76 37.51 -2.43 22.41
CA PRO C 76 38.60 -3.34 22.76
C PRO C 76 38.49 -3.88 24.18
N GLY C 77 38.55 -5.21 24.30
CA GLY C 77 38.50 -5.85 25.61
C GLY C 77 37.10 -6.04 26.17
N VAL C 78 36.09 -5.55 25.46
CA VAL C 78 34.72 -5.68 25.94
C VAL C 78 33.84 -6.50 24.99
N ALA C 79 33.58 -6.00 23.78
CA ALA C 79 32.79 -6.73 22.81
C ALA C 79 32.77 -6.02 21.47
N ARG C 80 32.18 -6.67 20.47
CA ARG C 80 31.88 -6.02 19.21
C ARG C 80 30.36 -5.84 19.10
N PHE C 81 29.93 -4.85 18.34
CA PHE C 81 28.51 -4.59 18.23
C PHE C 81 28.15 -4.32 16.80
N ARG C 82 26.94 -4.72 16.40
CA ARG C 82 26.43 -4.27 15.13
C ARG C 82 25.60 -3.03 15.40
N VAL C 83 25.93 -1.96 14.69
CA VAL C 83 25.33 -0.69 14.99
C VAL C 83 24.45 -0.29 13.81
N ASN C 84 23.22 0.16 14.11
CA ASN C 84 22.39 0.84 13.14
C ASN C 84 22.11 2.23 13.64
N ALA C 85 22.24 3.22 12.76
CA ALA C 85 22.04 4.62 13.10
C ALA C 85 20.95 5.21 12.22
N PHE C 86 20.11 6.09 12.76
CA PHE C 86 18.91 6.49 12.04
C PHE C 86 18.31 7.77 12.59
N ASN C 87 17.29 8.30 11.89
CA ASN C 87 16.59 9.51 12.32
C ASN C 87 15.14 9.22 12.69
N GLN C 88 14.65 9.90 13.71
CA GLN C 88 13.27 9.73 14.11
C GLN C 88 12.74 11.07 14.61
N ASN C 89 11.43 11.14 14.84
CA ASN C 89 10.78 12.40 15.16
C ASN C 89 11.49 13.32 16.17
N ARG C 90 12.14 12.75 17.17
CA ARG C 90 12.85 13.53 18.18
C ARG C 90 14.29 13.83 17.77
N GLY C 91 14.76 13.16 16.71
CA GLY C 91 16.13 13.33 16.27
C GLY C 91 16.82 12.02 15.96
N ALA C 92 18.09 11.93 16.34
CA ALA C 92 18.90 10.79 16.00
C ALA C 92 18.58 9.61 16.91
N GLY C 93 18.90 8.40 16.43
CA GLY C 93 18.83 7.24 17.28
C GLY C 93 19.80 6.17 16.80
N ALA C 94 20.07 5.19 17.67
CA ALA C 94 20.94 4.11 17.27
C ALA C 94 20.65 2.85 18.06
N VAL C 95 21.07 1.71 17.53
CA VAL C 95 20.92 0.44 18.20
C VAL C 95 22.23 -0.30 18.10
N PHE C 96 22.82 -0.60 19.26
CA PHE C 96 24.06 -1.35 19.32
C PHE C 96 23.70 -2.74 19.74
N ARG C 97 23.76 -3.70 18.82
CA ARG C 97 23.39 -5.04 19.20
C ARG C 97 24.68 -5.79 19.45
N THR C 98 24.78 -6.34 20.65
CA THR C 98 26.03 -6.96 21.07
C THR C 98 26.23 -8.24 20.24
N ILE C 99 27.45 -8.45 19.76
CA ILE C 99 27.79 -9.66 19.06
C ILE C 99 28.34 -10.59 20.11
N PRO C 100 27.77 -11.80 20.21
CA PRO C 100 28.23 -12.65 21.30
C PRO C 100 29.72 -13.01 21.14
N SER C 101 30.46 -12.96 22.25
CA SER C 101 31.91 -13.11 22.22
C SER C 101 32.41 -14.53 22.52
N LYS C 102 32.22 -15.00 23.75
CA LYS C 102 32.66 -16.36 24.07
C LYS C 102 31.66 -17.30 23.47
N VAL C 103 32.13 -18.44 22.99
CA VAL C 103 31.23 -19.44 22.45
C VAL C 103 30.90 -20.40 23.57
N LEU C 104 29.62 -20.75 23.68
CA LEU C 104 29.15 -21.56 24.77
C LEU C 104 29.11 -23.01 24.33
N THR C 105 29.55 -23.90 25.21
CA THR C 105 29.62 -25.30 24.85
C THR C 105 28.24 -25.96 24.98
N MET C 106 28.08 -27.09 24.31
CA MET C 106 26.89 -27.88 24.47
C MET C 106 26.58 -28.12 25.95
N GLU C 107 27.61 -28.47 26.73
CA GLU C 107 27.40 -28.70 28.15
C GLU C 107 26.91 -27.42 28.85
N GLU C 108 27.62 -26.31 28.63
CA GLU C 108 27.19 -25.05 29.20
C GLU C 108 25.73 -24.75 28.86
N LEU C 109 25.29 -25.15 27.67
CA LEU C 109 23.90 -24.91 27.25
C LEU C 109 22.94 -26.05 27.61
N GLY C 110 23.46 -27.12 28.22
CA GLY C 110 22.62 -28.26 28.55
C GLY C 110 22.08 -28.96 27.32
N MET C 111 22.85 -28.99 26.25
CA MET C 111 22.46 -29.71 25.05
C MET C 111 22.99 -31.15 25.11
N GLY C 112 22.11 -32.13 24.92
CA GLY C 112 22.50 -33.54 25.04
C GLY C 112 22.94 -34.23 23.76
N GLU C 113 23.35 -35.50 23.90
CA GLU C 113 23.92 -36.26 22.80
C GLU C 113 23.21 -36.13 21.45
N VAL C 114 21.89 -35.95 21.46
CA VAL C 114 21.18 -35.84 20.20
C VAL C 114 21.81 -34.77 19.31
N PHE C 115 22.21 -33.66 19.91
CA PHE C 115 22.84 -32.58 19.14
C PHE C 115 24.16 -33.08 18.55
N LYS C 116 24.86 -33.92 19.28
CA LYS C 116 26.12 -34.42 18.78
C LYS C 116 25.85 -35.35 17.61
N ARG C 117 24.90 -36.26 17.79
CA ARG C 117 24.50 -37.13 16.70
C ARG C 117 24.16 -36.28 15.46
N VAL C 118 23.38 -35.21 15.66
CA VAL C 118 23.00 -34.40 14.52
C VAL C 118 24.25 -33.75 13.92
N SER C 119 25.08 -33.14 14.76
CA SER C 119 26.36 -32.62 14.25
C SER C 119 27.20 -33.68 13.53
N ASP C 120 27.13 -34.91 13.99
CA ASP C 120 28.09 -35.85 13.51
C ASP C 120 27.94 -36.34 12.09
N VAL C 121 26.75 -36.19 11.52
CA VAL C 121 26.45 -36.75 10.21
C VAL C 121 27.53 -36.36 9.19
N PRO C 122 27.86 -37.27 8.27
CA PRO C 122 28.94 -36.96 7.34
C PRO C 122 28.61 -35.96 6.24
N ARG C 123 27.34 -35.76 5.93
CA ARG C 123 27.00 -34.79 4.90
C ARG C 123 25.51 -34.47 4.96
N GLY C 124 25.07 -33.46 4.23
CA GLY C 124 23.65 -33.17 4.14
C GLY C 124 23.31 -31.79 4.68
N LEU C 125 22.02 -31.55 4.90
CA LEU C 125 21.56 -30.26 5.38
C LEU C 125 20.97 -30.32 6.78
N VAL C 126 21.42 -29.42 7.66
CA VAL C 126 20.84 -29.28 8.97
C VAL C 126 20.35 -27.84 9.16
N LEU C 127 19.11 -27.71 9.61
CA LEU C 127 18.52 -26.39 9.77
C LEU C 127 18.18 -26.11 11.22
N VAL C 128 18.65 -24.97 11.73
CA VAL C 128 18.32 -24.53 13.08
C VAL C 128 17.45 -23.31 12.92
N THR C 129 16.25 -23.32 13.49
CA THR C 129 15.27 -22.29 13.18
C THR C 129 14.60 -21.73 14.42
N GLY C 130 13.93 -20.59 14.24
CA GLY C 130 13.20 -19.90 15.28
C GLY C 130 13.17 -18.40 15.01
N PRO C 131 12.18 -17.70 15.56
CA PRO C 131 12.06 -16.26 15.31
C PRO C 131 13.27 -15.47 15.86
N THR C 132 13.29 -14.15 15.65
CA THR C 132 14.44 -13.35 16.12
C THR C 132 14.59 -13.47 17.62
N GLY C 133 15.83 -13.52 18.07
CA GLY C 133 16.10 -13.64 19.50
C GLY C 133 15.77 -14.99 20.12
N SER C 134 15.63 -16.04 19.33
CA SER C 134 15.38 -17.34 19.89
C SER C 134 16.64 -18.14 20.22
N GLY C 135 17.83 -17.59 19.92
CA GLY C 135 19.08 -18.28 20.25
C GLY C 135 19.66 -19.22 19.20
N LYS C 136 19.02 -19.30 18.03
CA LYS C 136 19.47 -20.19 17.00
C LYS C 136 20.96 -20.12 16.86
N SER C 137 21.49 -18.92 16.71
CA SER C 137 22.93 -18.80 16.45
C SER C 137 23.77 -19.44 17.54
N THR C 138 23.33 -19.33 18.78
CA THR C 138 24.14 -19.83 19.85
C THR C 138 24.16 -21.35 19.79
N THR C 139 22.99 -21.92 19.53
CA THR C 139 22.90 -23.35 19.34
C THR C 139 23.89 -23.81 18.26
N LEU C 140 23.87 -23.14 17.09
CA LEU C 140 24.81 -23.47 16.00
C LEU C 140 26.25 -23.38 16.44
N ALA C 141 26.60 -22.27 17.07
CA ALA C 141 27.94 -22.11 17.55
C ALA C 141 28.35 -23.32 18.38
N ALA C 142 27.44 -23.80 19.22
CA ALA C 142 27.77 -24.95 20.08
C ALA C 142 28.01 -26.19 19.24
N MET C 143 27.18 -26.37 18.22
CA MET C 143 27.34 -27.50 17.34
C MET C 143 28.66 -27.43 16.60
N LEU C 144 29.02 -26.24 16.13
CA LEU C 144 30.31 -26.07 15.49
C LEU C 144 31.46 -26.24 16.47
N ASP C 145 31.34 -25.67 17.66
CA ASP C 145 32.41 -25.88 18.64
C ASP C 145 32.63 -27.37 18.87
N TYR C 146 31.54 -28.10 19.03
CA TYR C 146 31.66 -29.52 19.26
C TYR C 146 32.46 -30.16 18.12
N LEU C 147 32.12 -29.84 16.88
CA LEU C 147 32.87 -30.40 15.76
C LEU C 147 34.32 -29.95 15.79
N ASN C 148 34.54 -28.68 16.08
CA ASN C 148 35.88 -28.16 16.24
C ASN C 148 36.63 -28.88 17.36
N ASN C 149 35.91 -29.36 18.38
CA ASN C 149 36.58 -30.09 19.43
C ASN C 149 36.91 -31.52 19.07
N THR C 150 36.21 -32.06 18.07
CA THR C 150 36.25 -33.53 17.83
C THR C 150 36.74 -34.03 16.45
N LYS C 151 36.51 -33.26 15.38
CA LYS C 151 36.93 -33.70 14.05
C LYS C 151 38.04 -32.86 13.43
N TYR C 152 38.87 -33.50 12.61
CA TYR C 152 39.95 -32.81 11.89
C TYR C 152 39.45 -32.42 10.52
N HIS C 153 38.47 -31.53 10.53
CA HIS C 153 37.77 -31.14 9.33
C HIS C 153 37.96 -29.65 9.03
N HIS C 154 37.37 -29.22 7.92
CA HIS C 154 37.43 -27.81 7.52
C HIS C 154 36.04 -27.21 7.68
N ILE C 155 35.94 -26.25 8.58
CA ILE C 155 34.69 -25.53 8.77
C ILE C 155 34.81 -24.17 8.08
N LEU C 156 33.99 -23.98 7.06
CA LEU C 156 34.02 -22.72 6.34
C LEU C 156 32.69 -22.01 6.60
N THR C 157 32.74 -20.73 6.92
CA THR C 157 31.50 -20.00 7.21
C THR C 157 31.34 -18.75 6.34
N ILE C 158 30.08 -18.42 6.07
CA ILE C 158 29.77 -17.22 5.33
C ILE C 158 28.78 -16.46 6.19
N GLU C 159 29.16 -15.28 6.64
CA GLU C 159 28.38 -14.59 7.64
C GLU C 159 28.26 -13.12 7.35
N ASP C 160 27.08 -12.58 7.60
CA ASP C 160 26.80 -11.20 7.32
C ASP C 160 26.17 -10.49 8.51
N PRO C 161 26.99 -10.02 9.45
CA PRO C 161 28.44 -10.04 9.63
C PRO C 161 28.75 -11.28 10.41
N ILE C 162 30.02 -11.64 10.49
CA ILE C 162 30.40 -12.76 11.31
C ILE C 162 30.04 -12.53 12.76
N GLU C 163 29.32 -13.48 13.37
CA GLU C 163 28.97 -13.34 14.79
C GLU C 163 30.02 -13.92 15.73
N PHE C 164 29.98 -15.24 15.94
CA PHE C 164 30.91 -15.89 16.84
C PHE C 164 32.18 -16.11 16.09
N VAL C 165 33.30 -15.85 16.75
CA VAL C 165 34.56 -16.13 16.16
C VAL C 165 35.07 -17.39 16.82
N HIS C 166 35.25 -18.46 16.04
CA HIS C 166 35.79 -19.69 16.59
C HIS C 166 37.30 -19.71 16.45
N GLU C 167 37.96 -20.48 17.28
CA GLU C 167 39.39 -20.64 17.19
C GLU C 167 39.69 -22.05 16.70
N SER C 168 40.65 -22.20 15.80
CA SER C 168 40.91 -23.50 15.21
C SER C 168 41.44 -24.46 16.24
N LYS C 169 40.66 -25.48 16.59
CA LYS C 169 41.14 -26.52 17.48
C LYS C 169 41.54 -27.73 16.64
N LYS C 170 40.67 -28.73 16.50
CA LYS C 170 40.98 -29.80 15.56
C LYS C 170 40.59 -29.41 14.13
N CYS C 171 39.52 -28.65 13.97
CA CYS C 171 39.15 -28.22 12.62
C CYS C 171 39.91 -26.99 12.20
N LEU C 172 40.20 -26.91 10.91
CA LEU C 172 40.56 -25.64 10.31
C LEU C 172 39.27 -24.86 10.20
N VAL C 173 39.26 -23.65 10.72
CA VAL C 173 38.06 -22.80 10.66
C VAL C 173 38.33 -21.52 9.87
N ASN C 174 37.58 -21.33 8.79
CA ASN C 174 37.68 -20.11 7.98
C ASN C 174 36.36 -19.38 7.96
N GLN C 175 36.30 -18.21 8.57
CA GLN C 175 35.06 -17.46 8.60
C GLN C 175 35.18 -16.30 7.62
N ARG C 176 34.14 -16.10 6.82
CA ARG C 176 34.19 -15.10 5.77
C ARG C 176 33.08 -14.08 5.98
N GLU C 177 33.46 -12.84 6.23
CA GLU C 177 32.48 -11.77 6.45
C GLU C 177 32.02 -11.23 5.12
N VAL C 178 30.71 -11.28 4.89
CA VAL C 178 30.12 -10.76 3.64
C VAL C 178 30.33 -9.24 3.56
N HIS C 179 30.59 -8.77 2.34
CA HIS C 179 30.89 -7.37 2.07
C HIS C 179 32.32 -6.98 2.39
N ARG C 180 33.02 -7.77 3.20
CA ARG C 180 34.38 -7.46 3.59
C ARG C 180 35.38 -8.53 3.11
N ASP C 181 35.08 -9.79 3.38
CA ASP C 181 35.95 -10.87 2.92
C ASP C 181 35.46 -11.50 1.63
N THR C 182 34.21 -11.20 1.29
CA THR C 182 33.64 -11.71 0.04
C THR C 182 32.54 -10.78 -0.41
N LEU C 183 32.19 -10.85 -1.69
CA LEU C 183 31.21 -9.90 -2.21
C LEU C 183 29.76 -10.25 -1.90
N GLY C 184 29.49 -11.54 -1.70
CA GLY C 184 28.14 -11.98 -1.38
C GLY C 184 28.05 -13.47 -1.06
N PHE C 185 26.91 -13.87 -0.55
CA PHE C 185 26.67 -15.26 -0.25
C PHE C 185 26.92 -16.15 -1.46
N SER C 186 26.36 -15.74 -2.59
CA SER C 186 26.47 -16.55 -3.80
C SER C 186 27.93 -16.79 -4.19
N GLU C 187 28.70 -15.71 -4.23
CA GLU C 187 30.10 -15.80 -4.63
C GLU C 187 30.84 -16.74 -3.68
N ALA C 188 30.72 -16.48 -2.39
CA ALA C 188 31.36 -17.32 -1.39
C ALA C 188 30.91 -18.78 -1.50
N LEU C 189 29.62 -19.02 -1.74
CA LEU C 189 29.16 -20.39 -1.88
C LEU C 189 29.70 -21.07 -3.12
N ARG C 190 29.70 -20.37 -4.25
CA ARG C 190 30.30 -20.94 -5.45
C ARG C 190 31.78 -21.21 -5.19
N SER C 191 32.41 -20.38 -4.37
CA SER C 191 33.80 -20.62 -3.99
C SER C 191 33.92 -21.78 -3.01
N ALA C 192 33.02 -21.83 -2.04
CA ALA C 192 33.05 -22.87 -1.03
C ALA C 192 33.22 -24.25 -1.66
N LEU C 193 32.43 -24.53 -2.69
CA LEU C 193 32.55 -25.84 -3.35
C LEU C 193 33.94 -26.10 -3.87
N ARG C 194 34.77 -25.07 -3.97
CA ARG C 194 36.15 -25.23 -4.40
C ARG C 194 37.18 -25.00 -3.28
N GLU C 195 36.71 -24.87 -2.04
CA GLU C 195 37.60 -24.60 -0.92
C GLU C 195 37.74 -25.81 0.04
N ASP C 196 37.54 -27.03 -0.46
CA ASP C 196 37.66 -28.25 0.33
C ASP C 196 37.04 -28.13 1.74
N PRO C 197 35.74 -27.98 1.79
CA PRO C 197 35.11 -27.82 3.09
C PRO C 197 34.35 -29.07 3.52
N ASP C 198 34.60 -29.61 4.70
CA ASP C 198 33.65 -30.60 5.16
C ASP C 198 32.32 -29.94 5.50
N ILE C 199 32.39 -28.81 6.20
CA ILE C 199 31.22 -28.21 6.87
C ILE C 199 31.04 -26.74 6.47
N ILE C 200 29.83 -26.38 6.05
CA ILE C 200 29.56 -25.04 5.54
C ILE C 200 28.40 -24.39 6.25
N LEU C 201 28.68 -23.26 6.91
CA LEU C 201 27.65 -22.45 7.51
C LEU C 201 27.16 -21.36 6.58
N VAL C 202 25.88 -21.42 6.26
CA VAL C 202 25.19 -20.38 5.48
C VAL C 202 24.21 -19.55 6.37
N GLY C 203 24.61 -18.34 6.70
CA GLY C 203 23.75 -17.46 7.49
C GLY C 203 22.45 -17.12 6.77
N GLU C 204 21.42 -17.96 6.99
CA GLU C 204 20.04 -17.62 6.63
C GLU C 204 19.68 -18.01 5.22
N MET C 205 18.48 -18.55 5.07
CA MET C 205 18.06 -19.17 3.83
C MET C 205 16.80 -18.48 3.25
N ARG C 206 16.88 -17.18 2.97
CA ARG C 206 15.74 -16.47 2.33
C ARG C 206 15.93 -16.25 0.83
N ASP C 207 16.89 -15.42 0.43
CA ASP C 207 17.07 -15.15 -0.99
C ASP C 207 17.39 -16.42 -1.78
N LEU C 208 16.54 -16.69 -2.76
CA LEU C 208 16.50 -17.99 -3.43
C LEU C 208 17.87 -18.54 -3.85
N GLU C 209 18.70 -17.70 -4.44
CA GLU C 209 19.95 -18.20 -4.98
C GLU C 209 20.82 -18.80 -3.88
N THR C 210 20.90 -18.15 -2.74
CA THR C 210 21.58 -18.72 -1.61
C THR C 210 21.03 -20.14 -1.32
N ILE C 211 19.71 -20.28 -1.31
CA ILE C 211 19.11 -21.58 -1.01
C ILE C 211 19.50 -22.59 -2.08
N ARG C 212 19.36 -22.23 -3.35
CA ARG C 212 19.76 -23.12 -4.40
C ARG C 212 21.19 -23.59 -4.17
N LEU C 213 22.08 -22.64 -3.96
CA LEU C 213 23.49 -22.99 -3.78
C LEU C 213 23.69 -23.79 -2.50
N ALA C 214 22.97 -23.44 -1.44
CA ALA C 214 23.05 -24.21 -0.20
C ALA C 214 22.67 -25.66 -0.47
N LEU C 215 21.54 -25.86 -1.14
CA LEU C 215 21.11 -27.21 -1.47
C LEU C 215 22.09 -27.92 -2.36
N THR C 216 22.55 -27.25 -3.40
CA THR C 216 23.59 -27.82 -4.22
C THR C 216 24.74 -28.27 -3.33
N ALA C 217 25.19 -27.38 -2.46
CA ALA C 217 26.33 -27.69 -1.61
C ALA C 217 26.08 -28.93 -0.74
N ALA C 218 24.85 -29.10 -0.26
CA ALA C 218 24.51 -30.28 0.54
C ALA C 218 24.41 -31.54 -0.33
N GLU C 219 23.63 -31.45 -1.40
CA GLU C 219 23.55 -32.56 -2.34
C GLU C 219 24.91 -32.99 -2.87
N THR C 220 25.78 -32.03 -3.17
CA THR C 220 27.09 -32.39 -3.69
C THR C 220 27.91 -33.19 -2.68
N GLY C 221 27.54 -33.14 -1.40
CA GLY C 221 28.17 -34.00 -0.40
C GLY C 221 28.81 -33.35 0.82
N HIS C 222 28.67 -32.04 0.97
CA HIS C 222 29.18 -31.41 2.17
C HIS C 222 28.16 -31.50 3.32
N LEU C 223 28.61 -31.18 4.54
CA LEU C 223 27.68 -30.95 5.64
C LEU C 223 27.30 -29.45 5.71
N VAL C 224 26.07 -29.11 5.33
CA VAL C 224 25.65 -27.70 5.32
C VAL C 224 24.77 -27.38 6.52
N PHE C 225 25.06 -26.26 7.20
CA PHE C 225 24.19 -25.76 8.27
C PHE C 225 23.60 -24.42 7.82
N GLY C 226 22.26 -24.33 7.82
CA GLY C 226 21.56 -23.09 7.51
C GLY C 226 20.51 -22.74 8.55
N THR C 227 19.82 -21.61 8.39
CA THR C 227 18.81 -21.17 9.37
C THR C 227 17.54 -20.63 8.72
N LEU C 228 16.48 -20.54 9.49
CA LEU C 228 15.24 -19.89 9.07
C LEU C 228 14.56 -19.31 10.29
N HIS C 229 13.51 -18.51 10.07
CA HIS C 229 12.73 -17.99 11.19
C HIS C 229 11.46 -18.75 11.54
N THR C 230 11.43 -20.04 11.25
CA THR C 230 10.20 -20.80 11.38
C THR C 230 10.14 -21.46 12.76
N THR C 231 8.96 -21.90 13.17
CA THR C 231 8.75 -22.34 14.55
C THR C 231 8.49 -23.82 14.74
N SER C 232 8.57 -24.60 13.67
CA SER C 232 8.32 -26.04 13.80
C SER C 232 8.98 -26.74 12.64
N ALA C 233 9.23 -28.04 12.78
CA ALA C 233 9.80 -28.79 11.68
C ALA C 233 8.95 -28.70 10.39
N ALA C 234 7.64 -28.87 10.51
CA ALA C 234 6.79 -28.77 9.34
C ALA C 234 6.90 -27.40 8.64
N LYS C 235 6.67 -26.34 9.40
CA LYS C 235 6.68 -25.02 8.80
C LYS C 235 8.02 -24.73 8.14
N THR C 236 9.08 -25.24 8.74
CA THR C 236 10.40 -25.09 8.15
C THR C 236 10.41 -25.72 6.80
N ILE C 237 9.90 -26.92 6.69
CA ILE C 237 9.92 -27.62 5.42
C ILE C 237 9.00 -26.94 4.40
N ASP C 238 7.78 -26.59 4.81
CA ASP C 238 6.92 -25.84 3.91
C ASP C 238 7.65 -24.61 3.42
N ARG C 239 8.28 -23.89 4.35
CA ARG C 239 8.89 -22.61 4.00
C ARG C 239 9.93 -22.78 2.89
N VAL C 240 10.78 -23.77 3.01
CA VAL C 240 11.84 -23.97 2.04
C VAL C 240 11.29 -24.22 0.63
N VAL C 241 10.21 -24.98 0.53
CA VAL C 241 9.64 -25.27 -0.78
C VAL C 241 8.78 -24.10 -1.24
N ASP C 242 7.88 -23.64 -0.38
CA ASP C 242 6.91 -22.61 -0.78
C ASP C 242 7.54 -21.39 -1.43
N VAL C 243 8.67 -20.92 -0.90
CA VAL C 243 9.32 -19.74 -1.48
C VAL C 243 9.66 -19.80 -2.97
N PHE C 244 9.82 -20.99 -3.53
CA PHE C 244 10.19 -21.07 -4.94
C PHE C 244 8.98 -20.97 -5.84
N PRO C 245 9.17 -20.47 -7.07
CA PRO C 245 8.08 -20.47 -8.05
C PRO C 245 7.75 -21.88 -8.48
N ALA C 246 6.52 -22.06 -8.95
CA ALA C 246 6.01 -23.38 -9.31
C ALA C 246 7.01 -24.23 -10.10
N GLU C 247 7.56 -23.69 -11.18
CA GLU C 247 8.43 -24.48 -12.04
C GLU C 247 9.62 -25.09 -11.29
N GLU C 248 9.99 -24.48 -10.17
CA GLU C 248 11.20 -24.88 -9.49
C GLU C 248 10.95 -25.69 -8.19
N LYS C 249 9.69 -25.85 -7.81
CA LYS C 249 9.34 -26.48 -6.55
C LYS C 249 9.73 -27.95 -6.48
N ALA C 250 9.42 -28.70 -7.52
CA ALA C 250 9.67 -30.15 -7.51
C ALA C 250 11.13 -30.50 -7.22
N MET C 251 12.05 -29.85 -7.92
CA MET C 251 13.45 -30.16 -7.72
C MET C 251 13.90 -29.79 -6.30
N VAL C 252 13.41 -28.65 -5.80
CA VAL C 252 13.76 -28.22 -4.44
C VAL C 252 13.24 -29.27 -3.45
N ARG C 253 11.99 -29.66 -3.62
CA ARG C 253 11.42 -30.72 -2.82
C ARG C 253 12.24 -32.01 -2.89
N SER C 254 12.70 -32.39 -4.08
CA SER C 254 13.48 -33.62 -4.19
C SER C 254 14.85 -33.44 -3.54
N MET C 255 15.58 -32.41 -3.96
CA MET C 255 16.86 -32.13 -3.32
C MET C 255 16.76 -32.16 -1.80
N LEU C 256 15.71 -31.54 -1.29
CA LEU C 256 15.58 -31.43 0.16
C LEU C 256 15.36 -32.80 0.80
N SER C 257 14.49 -33.60 0.18
CA SER C 257 14.23 -34.94 0.68
C SER C 257 15.51 -35.75 0.78
N GLU C 258 16.32 -35.70 -0.27
CA GLU C 258 17.57 -36.40 -0.21
C GLU C 258 18.52 -35.82 0.85
N SER C 259 18.66 -34.48 0.91
CA SER C 259 19.75 -33.92 1.70
C SER C 259 19.44 -33.60 3.17
N LEU C 260 18.17 -33.41 3.50
CA LEU C 260 17.86 -32.87 4.83
C LEU C 260 18.21 -33.90 5.89
N GLN C 261 18.98 -33.49 6.89
CA GLN C 261 19.38 -34.40 7.95
C GLN C 261 18.60 -34.20 9.24
N SER C 262 18.34 -32.94 9.59
CA SER C 262 17.62 -32.64 10.80
C SER C 262 17.07 -31.21 10.76
N VAL C 263 16.04 -30.98 11.56
CA VAL C 263 15.54 -29.63 11.75
C VAL C 263 15.34 -29.43 13.23
N ILE C 264 15.86 -28.31 13.71
CA ILE C 264 15.78 -27.98 15.11
C ILE C 264 15.09 -26.63 15.22
N SER C 265 13.84 -26.61 15.66
CA SER C 265 13.12 -25.36 15.79
C SER C 265 13.04 -25.02 17.25
N GLN C 266 13.26 -23.76 17.57
CA GLN C 266 13.60 -23.40 18.93
C GLN C 266 12.93 -22.12 19.43
N THR C 267 12.72 -22.05 20.74
CA THR C 267 12.24 -20.82 21.37
C THR C 267 12.80 -20.70 22.80
N LEU C 268 12.90 -19.47 23.29
CA LEU C 268 13.36 -19.22 24.65
C LEU C 268 12.18 -18.92 25.56
N ILE C 269 12.24 -19.42 26.78
CA ILE C 269 11.14 -19.27 27.69
C ILE C 269 11.64 -18.72 29.01
N LYS C 270 10.94 -17.70 29.52
CA LYS C 270 11.26 -17.13 30.79
C LYS C 270 11.29 -18.28 31.80
N LYS C 271 12.47 -18.52 32.36
CA LYS C 271 12.77 -19.66 33.23
C LYS C 271 12.17 -19.38 34.61
N ILE C 272 11.51 -20.36 35.19
CA ILE C 272 10.87 -20.12 36.47
C ILE C 272 11.97 -19.78 37.47
N GLY C 273 11.76 -18.68 38.21
CA GLY C 273 12.77 -18.18 39.11
C GLY C 273 13.92 -17.41 38.46
N GLY C 274 13.75 -16.98 37.21
CA GLY C 274 14.70 -16.04 36.59
C GLY C 274 15.46 -16.56 35.39
N GLY C 275 15.77 -15.65 34.46
CA GLY C 275 16.55 -16.00 33.25
C GLY C 275 15.67 -16.72 32.24
N ARG C 276 16.27 -17.27 31.18
CA ARG C 276 15.49 -18.06 30.22
C ARG C 276 16.15 -19.42 29.90
N VAL C 277 15.37 -20.32 29.32
CA VAL C 277 15.86 -21.62 28.91
C VAL C 277 15.30 -21.92 27.50
N ALA C 278 16.05 -22.68 26.71
CA ALA C 278 15.63 -23.04 25.35
C ALA C 278 14.77 -24.28 25.35
N ALA C 279 13.76 -24.28 24.48
CA ALA C 279 12.98 -25.47 24.21
C ALA C 279 13.14 -25.76 22.72
N HIS C 280 13.23 -27.03 22.35
CA HIS C 280 13.52 -27.40 20.97
C HIS C 280 12.55 -28.45 20.46
N GLU C 281 12.10 -28.26 19.22
CA GLU C 281 11.50 -29.35 18.47
C GLU C 281 12.64 -29.94 17.64
N ILE C 282 12.74 -31.26 17.59
CA ILE C 282 13.83 -31.91 16.88
C ILE C 282 13.31 -33.00 15.97
N MET C 283 13.64 -32.89 14.68
CA MET C 283 13.31 -33.89 13.69
C MET C 283 14.59 -34.46 13.11
N ILE C 284 14.63 -35.76 12.85
CA ILE C 284 15.80 -36.40 12.23
C ILE C 284 15.40 -37.05 10.92
N GLY C 285 16.20 -36.81 9.89
CA GLY C 285 15.85 -37.23 8.53
C GLY C 285 16.02 -38.69 8.16
N THR C 286 15.02 -39.49 8.55
CA THR C 286 14.93 -40.91 8.25
C THR C 286 14.20 -41.16 6.91
N PRO C 287 14.45 -42.32 6.27
CA PRO C 287 13.76 -42.64 5.02
C PRO C 287 12.25 -42.37 4.98
N ALA C 288 11.51 -42.76 6.03
CA ALA C 288 10.08 -42.52 6.04
C ALA C 288 9.82 -41.01 5.92
N ILE C 289 10.48 -40.22 6.75
CA ILE C 289 10.26 -38.78 6.71
C ILE C 289 10.70 -38.23 5.36
N ARG C 290 11.83 -38.72 4.86
CA ARG C 290 12.27 -38.31 3.55
C ARG C 290 11.20 -38.58 2.51
N ASN C 291 10.53 -39.73 2.59
CA ASN C 291 9.37 -39.94 1.72
C ASN C 291 8.28 -38.91 1.96
N LEU C 292 7.95 -38.65 3.22
CA LEU C 292 6.93 -37.65 3.49
C LEU C 292 7.24 -36.37 2.73
N ILE C 293 8.51 -35.93 2.80
CA ILE C 293 8.97 -34.73 2.08
C ILE C 293 8.89 -34.91 0.56
N ARG C 294 9.46 -36.02 0.11
CA ARG C 294 9.52 -36.30 -1.32
C ARG C 294 8.14 -36.40 -1.94
N GLU C 295 7.21 -37.05 -1.24
CA GLU C 295 5.85 -37.25 -1.74
C GLU C 295 4.93 -36.07 -1.45
N ASP C 296 5.43 -35.07 -0.73
CA ASP C 296 4.61 -33.90 -0.40
C ASP C 296 3.48 -34.29 0.55
N LYS C 297 3.81 -35.03 1.59
CA LYS C 297 2.84 -35.42 2.61
C LYS C 297 3.34 -35.01 3.99
N VAL C 298 4.08 -33.90 4.01
CA VAL C 298 4.67 -33.39 5.25
C VAL C 298 3.64 -33.22 6.37
N ALA C 299 2.39 -32.93 6.02
CA ALA C 299 1.31 -32.91 7.01
C ALA C 299 1.38 -34.06 8.03
N GLN C 300 1.82 -35.24 7.60
CA GLN C 300 1.93 -36.37 8.50
C GLN C 300 3.13 -36.28 9.45
N MET C 301 4.11 -35.44 9.13
CA MET C 301 5.37 -35.50 9.83
C MET C 301 5.23 -35.26 11.33
N TYR C 302 4.31 -34.40 11.73
CA TYR C 302 4.24 -34.04 13.14
C TYR C 302 4.15 -35.28 14.02
N SER C 303 3.34 -36.25 13.62
CA SER C 303 3.23 -37.48 14.40
C SER C 303 4.48 -38.33 14.22
N ALA C 304 5.04 -38.34 13.02
CA ALA C 304 6.29 -39.06 12.82
C ALA C 304 7.33 -38.57 13.83
N ILE C 305 7.35 -37.26 14.12
CA ILE C 305 8.22 -36.76 15.16
C ILE C 305 7.81 -37.39 16.50
N GLN C 306 6.53 -37.35 16.80
CA GLN C 306 6.04 -37.93 18.06
C GLN C 306 6.55 -39.35 18.27
N THR C 307 6.60 -40.15 17.20
CA THR C 307 7.04 -41.55 17.34
C THR C 307 8.53 -41.77 17.11
N GLY C 308 9.30 -40.69 17.00
CA GLY C 308 10.73 -40.80 16.71
C GLY C 308 11.62 -40.64 17.93
N GLY C 309 11.05 -40.83 19.12
CA GLY C 309 11.77 -40.68 20.37
C GLY C 309 13.08 -41.45 20.45
N SER C 310 13.07 -42.68 19.92
CA SER C 310 14.27 -43.50 20.00
C SER C 310 15.49 -42.84 19.36
N LEU C 311 15.28 -42.09 18.28
CA LEU C 311 16.38 -41.38 17.68
C LEU C 311 16.65 -40.02 18.33
N GLY C 312 15.82 -39.64 19.30
CA GLY C 312 15.97 -38.35 19.96
C GLY C 312 15.12 -37.25 19.35
N MET C 313 14.15 -37.62 18.53
CA MET C 313 13.17 -36.67 18.01
C MET C 313 12.22 -36.27 19.12
N GLN C 314 11.59 -35.10 18.97
CA GLN C 314 10.64 -34.62 19.96
C GLN C 314 9.91 -33.42 19.37
N THR C 315 8.61 -33.31 19.64
CA THR C 315 7.85 -32.14 19.21
C THR C 315 8.10 -31.01 20.18
N LEU C 316 7.83 -29.79 19.76
CA LEU C 316 7.97 -28.66 20.65
C LEU C 316 7.15 -28.93 21.92
N ASP C 317 5.88 -29.28 21.77
CA ASP C 317 5.04 -29.55 22.94
C ASP C 317 5.62 -30.62 23.89
N MET C 318 6.15 -31.72 23.34
CA MET C 318 6.78 -32.72 24.19
C MET C 318 7.88 -32.10 25.04
N CYS C 319 8.79 -31.40 24.39
CA CYS C 319 9.89 -30.81 25.12
C CYS C 319 9.35 -29.91 26.22
N LEU C 320 8.28 -29.18 25.94
CA LEU C 320 7.71 -28.28 26.94
C LEU C 320 7.20 -29.00 28.17
N LYS C 321 6.95 -30.30 28.07
CA LYS C 321 6.50 -31.04 29.24
C LYS C 321 7.64 -31.45 30.16
N GLY C 322 8.88 -31.15 29.78
CA GLY C 322 10.02 -31.30 30.68
C GLY C 322 10.18 -30.02 31.46
N LEU C 328 11.44 -26.20 35.48
CA LEU C 328 12.27 -25.17 34.87
C LEU C 328 11.47 -23.98 34.34
N ILE C 329 10.23 -24.24 33.94
CA ILE C 329 9.41 -23.22 33.34
C ILE C 329 8.01 -23.28 33.92
N SER C 330 7.34 -22.13 33.94
CA SER C 330 5.98 -22.09 34.41
C SER C 330 5.04 -22.74 33.41
N ARG C 331 4.10 -23.49 33.93
CA ARG C 331 3.12 -24.14 33.10
C ARG C 331 2.44 -23.14 32.17
N GLU C 332 2.19 -21.94 32.67
CA GLU C 332 1.53 -20.93 31.85
C GLU C 332 2.48 -20.43 30.77
N ASN C 333 3.70 -20.03 31.16
CA ASN C 333 4.72 -19.73 30.18
C ASN C 333 4.80 -20.82 29.13
N ALA C 334 4.75 -22.07 29.57
CA ALA C 334 4.81 -23.18 28.64
C ALA C 334 3.65 -23.10 27.66
N ARG C 335 2.45 -22.89 28.18
CA ARG C 335 1.27 -22.86 27.32
C ARG C 335 1.25 -21.68 26.37
N GLU C 336 1.86 -20.57 26.77
CA GLU C 336 1.99 -19.45 25.86
C GLU C 336 2.65 -19.89 24.55
N LYS C 337 3.56 -20.85 24.63
CA LYS C 337 4.35 -21.25 23.46
C LYS C 337 4.06 -22.64 22.88
N ALA C 338 3.03 -23.30 23.40
CA ALA C 338 2.73 -24.66 22.99
C ALA C 338 1.91 -24.67 21.71
N LYS C 339 2.19 -25.61 20.84
CA LYS C 339 1.35 -25.78 19.66
C LYS C 339 -0.08 -26.09 20.09
N ILE C 340 -0.20 -26.94 21.11
CA ILE C 340 -1.51 -27.35 21.63
C ILE C 340 -1.64 -27.00 23.12
N PRO C 341 -2.22 -25.84 23.45
CA PRO C 341 -2.34 -25.51 24.88
C PRO C 341 -3.27 -26.47 25.64
N GLU C 342 -2.72 -27.08 26.69
CA GLU C 342 -3.41 -28.09 27.50
C GLU C 342 -2.82 -28.14 28.93
PG ACP D . -17.62 13.15 -27.19
O1G ACP D . -18.16 11.78 -27.53
O2G ACP D . -17.10 13.29 -25.77
O3G ACP D . -16.69 13.77 -28.21
PB ACP D . -20.39 13.55 -26.12
O1B ACP D . -20.12 13.95 -24.68
O2B ACP D . -20.60 12.08 -26.46
C3B ACP D . -19.09 14.22 -27.18
PA ACP D . -21.81 15.86 -26.02
O1A ACP D . -20.52 16.47 -26.43
O2A ACP D . -22.08 15.75 -24.54
O3A ACP D . -21.74 14.33 -26.54
O5' ACP D . -23.05 16.50 -26.84
C5' ACP D . -22.96 16.53 -28.26
C4' ACP D . -24.08 17.29 -28.94
O4' ACP D . -25.34 16.64 -28.74
C3' ACP D . -24.15 18.73 -28.42
O3' ACP D . -24.42 19.61 -29.52
C2' ACP D . -25.34 18.67 -27.48
O2' ACP D . -26.11 19.87 -27.47
C1' ACP D . -26.21 17.59 -28.11
N9 ACP D . -26.96 16.90 -27.03
C8 ACP D . -26.40 16.31 -25.96
N7 ACP D . -27.34 15.77 -25.14
C5 ACP D . -28.54 16.04 -25.70
C6 ACP D . -29.95 15.76 -25.35
N6 ACP D . -30.27 15.08 -24.23
N1 ACP D . -30.90 16.22 -26.20
C2 ACP D . -30.59 16.90 -27.32
N3 ACP D . -29.33 17.18 -27.69
C4 ACP D . -28.28 16.79 -26.94
MG MG E . -17.81 14.20 -24.35
C1 CIT F . -26.26 27.77 0.24
O1 CIT F . -27.13 27.81 -0.69
O2 CIT F . -26.64 27.58 1.41
C2 CIT F . -24.78 27.94 -0.06
C3 CIT F . -24.29 29.19 0.64
O7 CIT F . -25.29 30.21 0.40
C4 CIT F . -22.96 29.66 0.07
C5 CIT F . -23.17 30.75 -0.95
O3 CIT F . -23.76 30.51 -2.02
O4 CIT F . -22.73 31.90 -0.75
C6 CIT F . -24.08 28.87 2.12
O5 CIT F . -24.79 29.38 3.03
O6 CIT F . -23.19 28.05 2.47
PG ACP G . -6.68 8.14 6.03
O1G ACP G . -7.99 8.08 5.31
O2G ACP G . -6.01 6.80 6.22
O3G ACP G . -5.78 9.21 5.46
PB ACP G . -8.05 7.33 8.54
O1B ACP G . -7.21 6.50 9.47
O2B ACP G . -8.89 6.58 7.53
C3B ACP G . -7.04 8.60 7.75
PA ACP G . -8.43 8.78 10.81
O1A ACP G . -7.37 9.75 10.29
O2A ACP G . -8.07 7.69 11.76
O3A ACP G . -9.07 8.06 9.52
O5' ACP G . -9.67 9.62 11.42
C5' ACP G . -10.24 10.69 10.65
C4' ACP G . -11.21 11.48 11.48
O4' ACP G . -12.12 10.58 12.08
C3' ACP G . -10.50 12.24 12.58
O3' ACP G . -11.20 13.47 12.76
C2' ACP G . -10.73 11.34 13.80
O2' ACP G . -10.73 12.07 15.03
C1' ACP G . -12.11 10.80 13.48
N9 ACP G . -12.28 9.47 14.11
C8 ACP G . -11.45 8.43 13.99
N7 ACP G . -11.89 7.35 14.69
C5 ACP G . -13.05 7.73 15.27
C6 ACP G . -14.03 7.07 16.16
N6 ACP G . -13.87 5.78 16.55
N1 ACP G . -15.11 7.81 16.53
C2 ACP G . -15.27 9.09 16.15
N3 ACP G . -14.41 9.74 15.35
C4 ACP G . -13.30 9.12 14.89
MG MG H . -5.18 8.15 8.59
PG ACP I . 18.86 -13.33 15.38
O1G ACP I . 18.30 -14.46 14.54
O2G ACP I . 19.66 -12.34 14.57
O3G ACP I . 17.80 -12.74 16.30
PB ACP I . 19.41 -15.68 17.20
O1B ACP I . 20.10 -16.86 16.59
O2B ACP I . 17.89 -15.56 17.08
C3B ACP I . 20.09 -14.14 16.47
PA ACP I . 21.25 -15.53 19.36
O1A ACP I . 21.81 -14.30 18.67
O2A ACP I . 22.06 -16.81 19.41
O3A ACP I . 19.75 -15.78 18.78
O5' ACP I . 20.84 -15.14 20.88
C5' ACP I . 20.01 -14.01 21.16
C4' ACP I . 20.02 -13.66 22.65
O4' ACP I . 19.55 -14.74 23.45
C3' ACP I . 21.44 -13.32 23.12
O3' ACP I . 21.39 -12.35 24.18
C2' ACP I . 21.91 -14.69 23.65
O2' ACP I . 22.93 -14.54 24.67
C1' ACP I . 20.61 -15.24 24.25
N9 ACP I . 20.58 -16.73 24.22
C8 ACP I . 20.90 -17.50 23.16
N7 ACP I . 20.74 -18.82 23.44
C5 ACP I . 20.31 -18.91 24.70
C6 ACP I . 19.94 -20.01 25.61
N6 ACP I . 20.04 -21.30 25.20
N1 ACP I . 19.53 -19.68 26.86
C2 ACP I . 19.46 -18.40 27.27
N3 ACP I . 19.77 -17.33 26.50
C4 ACP I . 20.20 -17.53 25.22
MG MG J . 21.93 -15.26 15.16
#